data_1PH3
#
_entry.id   1PH3
#
_cell.length_a   93.636
_cell.length_b   93.636
_cell.length_c   423.111
_cell.angle_alpha   90.00
_cell.angle_beta   90.00
_cell.angle_gamma   120.00
#
_symmetry.space_group_name_H-M   'P 61 2 2'
#
loop_
_entity.id
_entity.type
_entity.pdbx_description
1 polymer "5'-D(*GP*GP*GP*GP*TP*TP*TP*TP*GP*GP*GP*GP*T)-3'"
2 polymer "5'-D(*GP*GP*GP*GP*TP*TP*TP*TP*GP*GP*TP*G)-3'"
3 polymer 'Telomere-binding protein alpha subunit'
4 polymer 'Telomere-binding protein beta subunit'
5 non-polymer 'SODIUM ION'
6 water water
#
loop_
_entity_poly.entity_id
_entity_poly.type
_entity_poly.pdbx_seq_one_letter_code
_entity_poly.pdbx_strand_id
1 'polydeoxyribonucleotide' (DG)(DG)(DG)(DG)(DT)(DT)(DT)(DT)(DG)(DG)(DG)(DG)(DT) G,H
2 'polydeoxyribonucleotide' (DG)(DG)(DG)(DG)(DT)(DT)(DT)(DT)(DG)(DG)(DT)(DG) D
3 'polypeptide(L)'
;YEYVELAKASLTSAQPQHFYAVVIDATFPYKTNQERYICSLKIVDPTLYLKQQKGAGDASDYATLVLYAKRFEDLPIIHR
AGDIIRVHRATLRLYNGQRQFNANVFYSSSWALFSTDKRSVTQEINNQDAVSDTTPFSFSSKHATIEKNEISILQNLRKW
ANQYFSSYSVISSDMYTALNKAQAQKGDFDVVAKILQVHELDEYTNELKLKDASGQVFYTLSLKLKFPHVRTGEVVRIRS
ATYDETSTQKKVLILSHYSNIITFIQSSKLAKELRAKIQDDHSVEVASLKKNVSLNAVVLTEVDKKHAALPSTSLQDLFH
HADSDKELQAQDTFRTQFYVTKIEPSDVKEWVKGYDRKTKKSSSLKGASGKGDNIFQVQFLVKDASTQLNNNTYRVLLYT
QDGLGANFFNVKADNLHKNADARKKLEDSAELLTKFNSYVDAVVERRNGFYLIKDTKLIY
;
A
4 'polypeptide(L)'
;QQQSAFKQLYTELFNNEGDFSKVSSNLKKPLKCYVKESYPHFLVTDGYFFVAPYFTKEAVNEFHAKFPNVNIVDLTDKVI
VINNWSLELRRVNSAEVFTSYANLEARLIVHSFKPNLQERLNPTRYPVNLFRDDEFKTTIQHFRHTALQAAINKTVKGDN
LVDISKVADAAGKKGKVDAGIVKASASKGDEFSDFSFKEGNTATLKIADIFVQEKG
;
B
#
# COMPACT_ATOMS: atom_id res chain seq x y z
N TYR D 1 -22.84 -25.67 -28.24
CA TYR D 1 -21.59 -24.83 -28.32
C TYR D 1 -20.36 -25.62 -28.78
N GLU D 2 -19.79 -25.20 -29.90
CA GLU D 2 -18.61 -25.87 -30.45
C GLU D 2 -17.40 -25.02 -30.12
N TYR D 3 -16.42 -25.62 -29.46
CA TYR D 3 -15.21 -24.88 -29.10
C TYR D 3 -14.06 -25.15 -30.05
N VAL D 4 -13.45 -24.07 -30.55
CA VAL D 4 -12.33 -24.15 -31.48
C VAL D 4 -11.02 -23.71 -30.81
N GLU D 5 -9.93 -24.29 -31.27
CA GLU D 5 -8.62 -23.92 -30.75
C GLU D 5 -8.14 -22.60 -31.36
N LEU D 6 -7.35 -21.87 -30.58
CA LEU D 6 -6.87 -20.56 -30.98
C LEU D 6 -6.28 -20.46 -32.35
N ALA D 7 -5.37 -21.38 -32.70
CA ALA D 7 -4.71 -21.35 -34.00
C ALA D 7 -5.59 -21.82 -35.16
N LYS D 8 -6.68 -22.51 -34.85
CA LYS D 8 -7.59 -23.02 -35.87
C LYS D 8 -8.84 -22.16 -36.08
N ALA D 9 -8.98 -21.10 -35.29
CA ALA D 9 -10.12 -20.19 -35.41
C ALA D 9 -10.07 -19.46 -36.77
N SER D 10 -11.22 -19.34 -37.43
CA SER D 10 -11.27 -18.73 -38.74
C SER D 10 -11.01 -17.25 -38.70
N LEU D 11 -10.24 -16.77 -39.66
CA LEU D 11 -9.93 -15.35 -39.75
C LEU D 11 -10.81 -14.69 -40.82
N THR D 12 -11.61 -15.49 -41.52
CA THR D 12 -12.45 -14.96 -42.59
C THR D 12 -13.92 -15.03 -42.24
N SER D 13 -14.32 -16.07 -41.54
CA SER D 13 -15.72 -16.26 -41.19
C SER D 13 -16.32 -15.00 -40.57
N ALA D 14 -15.53 -14.33 -39.73
CA ALA D 14 -15.98 -13.10 -39.05
C ALA D 14 -17.24 -13.41 -38.22
N GLN D 15 -17.58 -14.69 -38.14
CA GLN D 15 -18.75 -15.15 -37.39
C GLN D 15 -18.38 -15.40 -35.94
N PRO D 16 -19.37 -15.43 -35.05
CA PRO D 16 -19.12 -15.66 -33.62
C PRO D 16 -18.50 -17.01 -33.33
N GLN D 17 -17.34 -17.00 -32.68
CA GLN D 17 -16.64 -18.24 -32.34
C GLN D 17 -16.43 -18.37 -30.83
N HIS D 18 -16.33 -19.59 -30.36
CA HIS D 18 -16.17 -19.82 -28.93
C HIS D 18 -14.91 -20.63 -28.67
N PHE D 19 -14.35 -20.51 -27.47
CA PHE D 19 -13.12 -21.23 -27.16
C PHE D 19 -12.76 -21.31 -25.68
N TYR D 20 -11.74 -22.12 -25.42
CA TYR D 20 -11.21 -22.28 -24.07
C TYR D 20 -9.74 -21.90 -24.17
N ALA D 21 -9.21 -21.23 -23.16
CA ALA D 21 -7.80 -20.81 -23.19
C ALA D 21 -7.19 -20.54 -21.82
N VAL D 22 -5.87 -20.45 -21.78
CA VAL D 22 -5.17 -20.17 -20.53
C VAL D 22 -4.73 -18.71 -20.52
N VAL D 23 -5.05 -18.00 -19.45
CA VAL D 23 -4.69 -16.59 -19.36
C VAL D 23 -3.30 -16.42 -18.79
N ILE D 24 -2.41 -15.76 -19.52
CA ILE D 24 -1.04 -15.61 -19.03
C ILE D 24 -0.85 -14.15 -18.64
N ASP D 25 -1.73 -13.28 -19.10
CA ASP D 25 -1.56 -11.86 -18.82
C ASP D 25 -2.89 -11.14 -18.95
N ALA D 26 -2.99 -10.01 -18.27
CA ALA D 26 -4.24 -9.25 -18.36
C ALA D 26 -4.16 -7.95 -17.64
N THR D 27 -4.73 -6.89 -18.21
CA THR D 27 -4.67 -5.61 -17.54
C THR D 27 -5.82 -5.70 -16.52
N PHE D 28 -6.00 -4.62 -15.78
CA PHE D 28 -7.12 -4.55 -14.87
C PHE D 28 -8.30 -3.88 -15.65
N PRO D 29 -9.55 -4.23 -15.31
CA PRO D 29 -10.70 -3.62 -16.00
C PRO D 29 -10.64 -2.13 -15.78
N TYR D 30 -10.62 -1.33 -16.84
CA TYR D 30 -10.50 0.13 -16.73
C TYR D 30 -11.57 0.82 -17.57
N LYS D 31 -11.97 2.00 -17.12
CA LYS D 31 -12.96 2.79 -17.83
C LYS D 31 -12.28 3.66 -18.88
N THR D 32 -12.87 3.77 -20.09
CA THR D 32 -12.31 4.58 -21.18
C THR D 32 -13.05 5.90 -21.32
N ASN D 33 -14.38 5.86 -21.28
CA ASN D 33 -15.16 7.09 -21.40
C ASN D 33 -16.37 7.03 -20.45
N GLN D 34 -17.45 7.68 -20.83
CA GLN D 34 -18.65 7.72 -20.01
C GLN D 34 -19.52 6.50 -20.13
N GLU D 35 -19.11 5.49 -20.90
CA GLU D 35 -19.96 4.33 -21.03
C GLU D 35 -19.24 3.03 -21.37
N ARG D 36 -17.90 3.07 -21.46
CA ARG D 36 -17.16 1.87 -21.81
C ARG D 36 -16.07 1.43 -20.84
N TYR D 37 -16.01 0.11 -20.63
CA TYR D 37 -14.97 -0.51 -19.79
C TYR D 37 -14.27 -1.57 -20.63
N ILE D 38 -12.96 -1.70 -20.45
CA ILE D 38 -12.18 -2.63 -21.24
C ILE D 38 -11.27 -3.47 -20.38
N CYS D 39 -10.96 -4.67 -20.89
CA CYS D 39 -10.03 -5.56 -20.23
C CYS D 39 -9.26 -6.34 -21.27
N SER D 40 -7.98 -6.03 -21.50
CA SER D 40 -7.15 -6.71 -22.47
C SER D 40 -6.34 -7.83 -21.81
N LEU D 41 -6.30 -8.98 -22.47
CA LEU D 41 -5.51 -10.06 -21.95
C LEU D 41 -4.80 -10.92 -22.99
N LYS D 42 -3.82 -11.70 -22.54
CA LYS D 42 -3.06 -12.58 -23.42
C LYS D 42 -3.45 -14.01 -23.09
N ILE D 43 -3.82 -14.78 -24.11
CA ILE D 43 -4.21 -16.18 -23.93
C ILE D 43 -3.38 -17.13 -24.77
N VAL D 44 -3.30 -18.38 -24.34
CA VAL D 44 -2.56 -19.42 -25.07
C VAL D 44 -3.25 -20.78 -24.93
N ASP D 45 -2.88 -21.74 -25.78
CA ASP D 45 -3.42 -23.10 -25.71
C ASP D 45 -2.45 -24.01 -26.44
N PRO D 46 -2.72 -25.34 -26.45
CA PRO D 46 -1.84 -26.31 -27.11
C PRO D 46 -1.44 -25.99 -28.54
N THR D 47 -2.25 -25.20 -29.25
CA THR D 47 -1.96 -24.84 -30.63
C THR D 47 -1.27 -23.49 -30.82
N LEU D 48 -1.22 -22.69 -29.75
CA LEU D 48 -0.62 -21.36 -29.81
C LEU D 48 -0.06 -21.00 -28.44
N TYR D 49 1.25 -21.12 -28.28
CA TYR D 49 1.87 -20.84 -26.99
C TYR D 49 3.37 -20.54 -27.07
N LEU D 50 3.97 -20.83 -28.22
CA LEU D 50 5.40 -20.58 -28.38
C LEU D 50 5.77 -20.22 -29.83
N LYS D 51 6.67 -19.26 -29.98
CA LYS D 51 7.09 -18.83 -31.31
C LYS D 51 8.13 -19.79 -31.90
N GLN D 52 8.22 -19.81 -33.24
CA GLN D 52 9.17 -20.67 -33.96
C GLN D 52 10.53 -20.68 -33.26
N GLN D 53 10.71 -21.66 -32.37
CA GLN D 53 11.96 -21.80 -31.61
C GLN D 53 13.15 -22.31 -32.41
N LYS D 54 14.12 -21.41 -32.58
CA LYS D 54 15.36 -21.69 -33.31
C LYS D 54 16.15 -20.40 -33.17
N GLY D 55 15.45 -19.30 -33.41
CA GLY D 55 16.04 -17.99 -33.30
C GLY D 55 15.05 -17.12 -32.56
N ALA D 56 14.03 -17.77 -32.01
CA ALA D 56 12.98 -17.07 -31.26
C ALA D 56 13.44 -16.75 -29.83
N GLY D 57 14.24 -17.64 -29.26
CA GLY D 57 14.72 -17.43 -27.90
C GLY D 57 13.74 -17.96 -26.86
N ASP D 58 13.02 -19.01 -27.22
CA ASP D 58 12.03 -19.62 -26.33
C ASP D 58 10.94 -18.60 -25.93
N ALA D 59 10.82 -17.54 -26.72
CA ALA D 59 9.84 -16.49 -26.48
C ALA D 59 8.46 -17.12 -26.64
N SER D 60 7.51 -16.65 -25.83
CA SER D 60 6.14 -17.17 -25.86
C SER D 60 5.29 -16.54 -26.96
N ASP D 61 4.43 -17.33 -27.59
CA ASP D 61 3.54 -16.81 -28.63
C ASP D 61 2.14 -16.83 -28.00
N TYR D 62 1.29 -15.90 -28.42
CA TYR D 62 -0.03 -15.84 -27.81
C TYR D 62 -1.04 -15.04 -28.60
N ALA D 63 -2.31 -15.26 -28.29
CA ALA D 63 -3.39 -14.52 -28.92
C ALA D 63 -3.87 -13.49 -27.89
N THR D 64 -4.53 -12.42 -28.35
CA THR D 64 -5.03 -11.42 -27.41
C THR D 64 -6.57 -11.46 -27.31
N LEU D 65 -7.07 -11.10 -26.14
CA LEU D 65 -8.51 -11.09 -25.91
C LEU D 65 -8.90 -9.74 -25.34
N VAL D 66 -9.80 -9.05 -26.03
CA VAL D 66 -10.24 -7.73 -25.58
C VAL D 66 -11.73 -7.81 -25.29
N LEU D 67 -12.09 -7.61 -24.04
CA LEU D 67 -13.49 -7.70 -23.62
C LEU D 67 -14.01 -6.33 -23.33
N TYR D 68 -15.10 -5.95 -24.00
CA TYR D 68 -15.72 -4.64 -23.81
C TYR D 68 -17.03 -4.79 -23.01
N ALA D 69 -17.37 -3.76 -22.24
CA ALA D 69 -18.57 -3.81 -21.41
C ALA D 69 -19.01 -2.43 -20.99
N LYS D 70 -20.24 -2.30 -20.53
CA LYS D 70 -20.75 -1.01 -20.10
C LYS D 70 -20.59 -0.85 -18.61
N ARG D 71 -20.34 -1.95 -17.92
CA ARG D 71 -20.17 -1.93 -16.48
C ARG D 71 -18.89 -2.63 -16.04
N PHE D 72 -18.26 -2.06 -15.00
CA PHE D 72 -17.02 -2.60 -14.45
C PHE D 72 -17.19 -4.05 -14.01
N GLU D 73 -18.34 -4.31 -13.41
CA GLU D 73 -18.62 -5.65 -12.92
C GLU D 73 -18.88 -6.71 -13.98
N ASP D 74 -18.93 -6.35 -15.25
CA ASP D 74 -19.13 -7.35 -16.29
C ASP D 74 -17.81 -7.85 -16.90
N LEU D 75 -16.68 -7.46 -16.33
CA LEU D 75 -15.38 -7.84 -16.85
C LEU D 75 -14.62 -8.67 -15.82
N PRO D 76 -13.78 -9.59 -16.30
CA PRO D 76 -12.99 -10.47 -15.43
C PRO D 76 -11.78 -9.79 -14.73
N ILE D 77 -11.62 -10.10 -13.44
CA ILE D 77 -10.49 -9.58 -12.68
C ILE D 77 -9.47 -10.72 -12.52
N ILE D 78 -8.39 -10.67 -13.31
CA ILE D 78 -7.37 -11.71 -13.25
C ILE D 78 -6.35 -11.40 -12.17
N HIS D 79 -6.32 -12.23 -11.13
CA HIS D 79 -5.36 -12.06 -10.03
C HIS D 79 -4.14 -12.95 -10.19
N ARG D 80 -4.33 -14.04 -10.91
CA ARG D 80 -3.27 -15.03 -11.08
C ARG D 80 -3.12 -15.56 -12.50
N ALA D 81 -1.87 -15.64 -12.93
CA ALA D 81 -1.58 -16.18 -14.26
C ALA D 81 -1.59 -17.71 -14.21
N GLY D 82 -2.22 -18.33 -15.20
CA GLY D 82 -2.24 -19.78 -15.23
C GLY D 82 -3.66 -20.33 -15.20
N ASP D 83 -4.61 -19.52 -14.74
CA ASP D 83 -6.03 -19.91 -14.70
C ASP D 83 -6.61 -19.94 -16.10
N ILE D 84 -7.80 -20.53 -16.22
CA ILE D 84 -8.48 -20.72 -17.49
C ILE D 84 -9.71 -19.85 -17.67
N ILE D 85 -9.94 -19.43 -18.90
CA ILE D 85 -11.08 -18.58 -19.19
C ILE D 85 -11.85 -19.17 -20.35
N ARG D 86 -13.17 -19.14 -20.24
CA ARG D 86 -14.05 -19.68 -21.28
C ARG D 86 -14.85 -18.49 -21.85
N VAL D 87 -14.73 -18.29 -23.16
CA VAL D 87 -15.41 -17.20 -23.83
C VAL D 87 -16.45 -17.72 -24.81
N HIS D 88 -17.56 -16.99 -24.88
CA HIS D 88 -18.64 -17.31 -25.80
C HIS D 88 -18.92 -16.13 -26.70
N ARG D 89 -19.16 -16.42 -27.97
CA ARG D 89 -19.49 -15.41 -28.95
C ARG D 89 -18.43 -14.31 -29.11
N ALA D 90 -17.24 -14.72 -29.51
CA ALA D 90 -16.16 -13.76 -29.75
C ALA D 90 -15.81 -13.70 -31.24
N THR D 91 -15.42 -12.52 -31.73
CA THR D 91 -15.03 -12.37 -33.15
C THR D 91 -13.52 -12.20 -33.25
N LEU D 92 -12.90 -12.95 -34.15
CA LEU D 92 -11.47 -12.90 -34.34
C LEU D 92 -11.05 -12.08 -35.55
N ARG D 93 -9.93 -11.37 -35.41
CA ARG D 93 -9.41 -10.58 -36.52
C ARG D 93 -7.92 -10.38 -36.26
N LEU D 94 -7.19 -10.04 -37.30
CA LEU D 94 -5.75 -9.82 -37.20
C LEU D 94 -5.42 -8.38 -36.86
N TYR D 95 -4.77 -8.18 -35.71
CA TYR D 95 -4.41 -6.84 -35.25
C TYR D 95 -2.91 -6.76 -35.14
N ASN D 96 -2.29 -6.05 -36.08
CA ASN D 96 -0.85 -5.91 -36.13
C ASN D 96 -0.09 -7.22 -36.07
N GLY D 97 -0.49 -8.15 -36.93
CA GLY D 97 0.21 -9.42 -37.02
C GLY D 97 -0.22 -10.50 -36.07
N GLN D 98 -1.07 -10.20 -35.10
CA GLN D 98 -1.50 -11.23 -34.17
C GLN D 98 -3.01 -11.42 -34.02
N ARG D 99 -3.40 -12.64 -33.63
CA ARG D 99 -4.81 -12.99 -33.48
C ARG D 99 -5.46 -12.28 -32.30
N GLN D 100 -6.41 -11.40 -32.60
CA GLN D 100 -7.08 -10.62 -31.56
C GLN D 100 -8.56 -10.98 -31.44
N PHE D 101 -8.92 -11.63 -30.32
CA PHE D 101 -10.31 -12.00 -30.10
C PHE D 101 -11.02 -10.88 -29.37
N ASN D 102 -12.11 -10.40 -29.97
CA ASN D 102 -12.89 -9.33 -29.39
C ASN D 102 -14.26 -9.81 -28.94
N ALA D 103 -14.73 -9.35 -27.79
CA ALA D 103 -16.04 -9.77 -27.32
C ALA D 103 -16.74 -8.65 -26.57
N ASN D 104 -17.94 -8.29 -27.02
CA ASN D 104 -18.72 -7.23 -26.37
C ASN D 104 -19.64 -7.87 -25.32
N VAL D 105 -19.21 -7.79 -24.06
CA VAL D 105 -19.98 -8.37 -22.97
C VAL D 105 -21.29 -7.63 -22.82
N PHE D 106 -21.34 -6.38 -23.25
CA PHE D 106 -22.55 -5.58 -23.11
C PHE D 106 -23.61 -6.01 -24.14
N TYR D 107 -23.24 -6.93 -25.01
CA TYR D 107 -24.21 -7.36 -26.02
C TYR D 107 -24.62 -8.82 -25.84
N SER D 108 -23.89 -9.73 -26.45
CA SER D 108 -24.24 -11.13 -26.34
C SER D 108 -23.08 -12.01 -25.94
N SER D 109 -21.90 -11.42 -25.75
CA SER D 109 -20.74 -12.20 -25.37
C SER D 109 -20.74 -12.50 -23.87
N SER D 110 -20.01 -13.53 -23.48
CA SER D 110 -19.91 -13.86 -22.06
C SER D 110 -18.58 -14.56 -21.76
N TRP D 111 -18.18 -14.54 -20.49
CA TRP D 111 -16.94 -15.19 -20.09
C TRP D 111 -17.13 -15.91 -18.78
N ALA D 112 -16.23 -16.84 -18.48
CA ALA D 112 -16.26 -17.59 -17.23
C ALA D 112 -14.83 -17.98 -16.86
N LEU D 113 -14.48 -17.79 -15.57
CA LEU D 113 -13.13 -18.10 -15.08
C LEU D 113 -13.11 -19.41 -14.31
N PHE D 114 -12.13 -20.25 -14.63
CA PHE D 114 -11.97 -21.52 -13.95
C PHE D 114 -10.60 -21.57 -13.31
N SER D 115 -10.56 -22.06 -12.08
CA SER D 115 -9.32 -22.16 -11.33
C SER D 115 -8.49 -23.37 -11.76
N THR D 116 -7.22 -23.12 -12.08
CA THR D 116 -6.32 -24.19 -12.49
C THR D 116 -5.87 -24.93 -11.24
N ASP D 117 -5.57 -24.19 -10.18
CA ASP D 117 -5.19 -24.79 -8.92
C ASP D 117 -6.46 -25.19 -8.18
N LYS D 118 -6.29 -25.91 -7.07
CA LYS D 118 -7.40 -26.38 -6.26
C LYS D 118 -8.38 -25.27 -5.95
N ARG D 119 -7.86 -24.12 -5.55
CA ARG D 119 -8.70 -23.00 -5.20
C ARG D 119 -8.34 -21.76 -6.00
N SER D 120 -9.31 -20.86 -6.16
CA SER D 120 -9.07 -19.60 -6.83
C SER D 120 -8.30 -18.71 -5.84
N VAL D 121 -7.78 -17.60 -6.33
CA VAL D 121 -7.05 -16.70 -5.46
C VAL D 121 -7.93 -16.22 -4.33
N THR D 122 -9.14 -15.80 -4.66
CA THR D 122 -10.08 -15.28 -3.67
C THR D 122 -10.42 -16.35 -2.63
N GLN D 123 -10.56 -17.59 -3.08
CA GLN D 123 -10.87 -18.69 -2.18
C GLN D 123 -9.72 -19.00 -1.25
N GLU D 124 -8.48 -18.80 -1.72
CA GLU D 124 -7.31 -19.04 -0.88
C GLU D 124 -7.24 -17.98 0.20
N ILE D 125 -7.61 -16.76 -0.15
CA ILE D 125 -7.58 -15.65 0.79
C ILE D 125 -8.60 -15.83 1.88
N ASN D 126 -9.72 -16.48 1.55
CA ASN D 126 -10.79 -16.68 2.53
C ASN D 126 -10.81 -18.11 3.05
N ASN D 127 -9.84 -18.90 2.63
CA ASN D 127 -9.75 -20.29 3.06
C ASN D 127 -11.05 -21.04 2.79
N GLN D 128 -11.47 -21.01 1.52
CA GLN D 128 -12.70 -21.66 1.08
C GLN D 128 -12.38 -22.81 0.13
N ASP D 129 -13.30 -23.76 0.03
CA ASP D 129 -13.14 -24.89 -0.88
C ASP D 129 -14.01 -24.63 -2.10
N ALA D 130 -13.60 -25.15 -3.24
CA ALA D 130 -14.34 -24.95 -4.48
C ALA D 130 -15.55 -25.88 -4.51
N VAL D 131 -16.68 -25.36 -4.97
CA VAL D 131 -17.91 -26.16 -5.06
C VAL D 131 -17.60 -27.50 -5.73
N SER D 132 -16.86 -27.44 -6.84
CA SER D 132 -16.45 -28.63 -7.59
C SER D 132 -15.36 -28.23 -8.55
N ASP D 133 -14.84 -29.18 -9.30
CA ASP D 133 -13.78 -28.89 -10.25
C ASP D 133 -14.33 -28.45 -11.60
N THR D 134 -15.66 -28.28 -11.67
CA THR D 134 -16.29 -27.85 -12.91
C THR D 134 -17.13 -26.60 -12.65
N THR D 135 -16.91 -25.97 -11.51
CA THR D 135 -17.66 -24.76 -11.18
C THR D 135 -16.81 -23.51 -11.36
N PRO D 136 -17.30 -22.54 -12.14
CA PRO D 136 -16.56 -21.29 -12.38
C PRO D 136 -16.60 -20.46 -11.12
N PHE D 137 -15.46 -19.89 -10.72
CA PHE D 137 -15.43 -19.06 -9.52
C PHE D 137 -15.86 -17.62 -9.84
N SER D 138 -15.98 -17.31 -11.13
CA SER D 138 -16.39 -16.00 -11.59
C SER D 138 -16.92 -16.08 -13.05
N PHE D 139 -17.94 -15.31 -13.35
CA PHE D 139 -18.48 -15.32 -14.70
C PHE D 139 -19.40 -14.15 -14.93
N SER D 140 -19.59 -13.79 -16.20
CA SER D 140 -20.47 -12.68 -16.58
C SER D 140 -21.90 -13.16 -16.68
N SER D 141 -22.83 -12.21 -16.64
CA SER D 141 -24.27 -12.53 -16.69
C SER D 141 -24.70 -13.24 -15.39
N LYS D 142 -26.02 -13.39 -15.24
CA LYS D 142 -26.59 -14.03 -14.05
C LYS D 142 -26.43 -15.56 -14.02
N HIS D 143 -26.16 -16.15 -15.17
CA HIS D 143 -26.00 -17.60 -15.21
C HIS D 143 -24.81 -18.08 -16.06
N ALA D 144 -24.37 -19.30 -15.78
CA ALA D 144 -23.27 -19.95 -16.50
C ALA D 144 -23.58 -21.45 -16.55
N THR D 145 -23.52 -22.03 -17.74
CA THR D 145 -23.79 -23.45 -17.91
C THR D 145 -22.57 -24.24 -18.36
N ILE D 146 -22.40 -25.43 -17.79
CA ILE D 146 -21.30 -26.34 -18.14
C ILE D 146 -21.89 -27.70 -18.54
N GLU D 147 -21.79 -28.05 -19.82
CA GLU D 147 -22.29 -29.31 -20.35
C GLU D 147 -21.30 -30.43 -20.01
N LYS D 148 -21.80 -31.67 -20.00
CA LYS D 148 -20.97 -32.83 -19.68
C LYS D 148 -19.78 -32.98 -20.61
N ASN D 149 -19.97 -32.66 -21.88
CA ASN D 149 -18.90 -32.79 -22.85
C ASN D 149 -17.74 -31.81 -22.62
N GLU D 150 -17.98 -30.77 -21.81
CA GLU D 150 -16.95 -29.77 -21.52
C GLU D 150 -15.95 -30.26 -20.49
N ILE D 151 -16.43 -31.04 -19.53
CA ILE D 151 -15.58 -31.55 -18.46
C ILE D 151 -14.24 -32.05 -18.97
N SER D 152 -14.24 -32.81 -20.07
CA SER D 152 -12.99 -33.32 -20.62
C SER D 152 -12.09 -32.18 -21.10
N ILE D 153 -12.67 -31.22 -21.81
CA ILE D 153 -11.91 -30.08 -22.31
C ILE D 153 -11.25 -29.31 -21.14
N LEU D 154 -12.02 -29.07 -20.09
CA LEU D 154 -11.54 -28.35 -18.92
C LEU D 154 -10.45 -29.14 -18.18
N GLN D 155 -10.73 -30.41 -17.90
CA GLN D 155 -9.75 -31.24 -17.19
C GLN D 155 -8.44 -31.36 -17.96
N ASN D 156 -8.55 -31.52 -19.27
CA ASN D 156 -7.35 -31.63 -20.12
C ASN D 156 -6.57 -30.34 -20.18
N LEU D 157 -7.26 -29.23 -20.39
CA LEU D 157 -6.61 -27.92 -20.44
C LEU D 157 -5.92 -27.60 -19.12
N ARG D 158 -6.43 -28.14 -18.01
CA ARG D 158 -5.82 -27.90 -16.71
C ARG D 158 -4.52 -28.67 -16.65
N LYS D 159 -4.54 -29.92 -17.12
CA LYS D 159 -3.33 -30.74 -17.08
C LYS D 159 -2.27 -30.07 -17.94
N TRP D 160 -2.69 -29.57 -19.10
CA TRP D 160 -1.79 -28.89 -20.03
C TRP D 160 -1.23 -27.62 -19.38
N ALA D 161 -2.10 -26.82 -18.75
CA ALA D 161 -1.69 -25.59 -18.10
C ALA D 161 -0.57 -25.85 -17.11
N ASN D 162 -0.67 -26.94 -16.34
CA ASN D 162 0.38 -27.25 -15.37
C ASN D 162 1.69 -27.71 -16.02
N GLN D 163 1.57 -28.45 -17.12
CA GLN D 163 2.76 -28.93 -17.83
C GLN D 163 3.45 -27.74 -18.46
N TYR D 164 2.65 -26.81 -18.98
CA TYR D 164 3.16 -25.60 -19.63
C TYR D 164 3.90 -24.67 -18.65
N PHE D 165 3.27 -24.37 -17.52
CA PHE D 165 3.89 -23.49 -16.54
C PHE D 165 5.08 -24.12 -15.83
N SER D 166 5.11 -25.45 -15.76
CA SER D 166 6.22 -26.13 -15.08
C SER D 166 7.41 -26.37 -16.02
N SER D 167 7.15 -26.39 -17.33
CA SER D 167 8.19 -26.63 -18.33
C SER D 167 8.73 -25.33 -18.91
N TYR D 168 7.89 -24.32 -18.99
CA TYR D 168 8.31 -23.04 -19.56
C TYR D 168 8.10 -21.91 -18.56
N SER D 169 8.76 -20.78 -18.83
CA SER D 169 8.61 -19.60 -18.01
C SER D 169 7.28 -18.89 -18.20
N VAL D 170 6.66 -19.08 -19.36
CA VAL D 170 5.39 -18.48 -19.73
C VAL D 170 5.60 -16.99 -19.89
N ILE D 171 6.04 -16.34 -18.83
CA ILE D 171 6.31 -14.91 -18.91
C ILE D 171 7.80 -14.78 -19.23
N SER D 172 8.12 -14.81 -20.52
CA SER D 172 9.50 -14.71 -20.98
C SER D 172 10.12 -13.33 -20.76
N SER D 173 11.44 -13.29 -20.89
CA SER D 173 12.22 -12.09 -20.65
C SER D 173 11.82 -10.91 -21.51
N ASP D 174 11.19 -11.19 -22.63
CA ASP D 174 10.75 -10.13 -23.51
C ASP D 174 9.43 -9.50 -23.04
N MET D 175 8.83 -10.05 -21.99
CA MET D 175 7.55 -9.55 -21.48
C MET D 175 7.69 -8.66 -20.27
N TYR D 176 8.91 -8.30 -19.91
CA TYR D 176 9.12 -7.43 -18.75
C TYR D 176 10.51 -6.80 -18.75
N THR D 177 10.70 -5.75 -17.97
CA THR D 177 11.95 -5.03 -17.92
C THR D 177 12.66 -5.19 -16.57
N ALA D 178 13.98 -5.22 -16.62
CA ALA D 178 14.77 -5.33 -15.39
C ALA D 178 14.62 -4.04 -14.59
N LEU D 179 14.37 -4.18 -13.29
CA LEU D 179 14.18 -3.05 -12.38
C LEU D 179 15.33 -2.06 -12.39
N ASN D 180 16.55 -2.55 -12.58
CA ASN D 180 17.71 -1.67 -12.61
C ASN D 180 17.85 -0.97 -13.95
N LYS D 181 16.89 -1.18 -14.86
CA LYS D 181 16.92 -0.52 -16.17
C LYS D 181 15.61 0.27 -16.35
N ALA D 182 14.77 0.25 -15.31
CA ALA D 182 13.49 0.94 -15.34
C ALA D 182 13.58 2.42 -15.70
N GLN D 183 14.62 3.07 -15.24
CA GLN D 183 14.82 4.50 -15.51
C GLN D 183 15.16 4.80 -16.98
N ALA D 184 15.52 3.78 -17.73
CA ALA D 184 15.85 3.96 -19.15
C ALA D 184 14.60 3.84 -20.06
N GLN D 185 13.48 3.42 -19.48
CA GLN D 185 12.23 3.26 -20.26
C GLN D 185 11.61 4.60 -20.58
N LYS D 186 11.14 4.73 -21.83
CA LYS D 186 10.48 5.94 -22.31
C LYS D 186 9.13 6.11 -21.62
N GLY D 187 8.34 5.05 -21.56
CA GLY D 187 7.04 5.15 -20.93
C GLY D 187 6.85 4.05 -19.90
N ASP D 188 5.71 3.36 -19.95
CA ASP D 188 5.42 2.31 -18.98
C ASP D 188 6.06 1.00 -19.37
N PHE D 189 6.19 0.10 -18.41
CA PHE D 189 6.80 -1.19 -18.65
C PHE D 189 6.26 -2.21 -17.67
N ASP D 190 6.65 -3.44 -17.84
CA ASP D 190 6.19 -4.50 -16.95
C ASP D 190 7.32 -4.99 -16.03
N VAL D 191 6.92 -5.68 -14.97
CA VAL D 191 7.89 -6.15 -13.97
C VAL D 191 7.55 -7.54 -13.48
N VAL D 192 8.61 -8.26 -13.11
CA VAL D 192 8.45 -9.57 -12.54
C VAL D 192 9.40 -9.61 -11.33
N ALA D 193 8.86 -9.48 -10.12
CA ALA D 193 9.70 -9.47 -8.92
C ALA D 193 9.05 -10.19 -7.74
N LYS D 194 9.85 -10.36 -6.70
CA LYS D 194 9.40 -10.99 -5.49
C LYS D 194 9.00 -9.94 -4.49
N ILE D 195 7.91 -10.20 -3.77
CA ILE D 195 7.45 -9.28 -2.74
C ILE D 195 8.26 -9.54 -1.46
N LEU D 196 9.18 -8.65 -1.13
CA LEU D 196 9.99 -8.81 0.07
C LEU D 196 9.29 -8.28 1.31
N GLN D 197 8.36 -7.33 1.13
CA GLN D 197 7.66 -6.75 2.26
C GLN D 197 6.33 -6.08 1.87
N VAL D 198 5.36 -6.22 2.76
CA VAL D 198 4.06 -5.61 2.56
C VAL D 198 3.84 -4.69 3.76
N HIS D 199 4.08 -3.40 3.58
CA HIS D 199 3.90 -2.42 4.65
C HIS D 199 2.58 -1.64 4.53
N GLU D 200 1.73 -1.76 5.54
CA GLU D 200 0.44 -1.08 5.53
C GLU D 200 0.67 0.40 5.75
N LEU D 201 0.64 1.17 4.69
CA LEU D 201 0.89 2.59 4.76
C LEU D 201 -0.27 3.31 5.43
N ASP D 202 -1.49 2.83 5.22
CA ASP D 202 -2.69 3.43 5.80
C ASP D 202 -3.92 2.57 5.62
N GLU D 203 -5.08 3.13 5.94
CA GLU D 203 -6.37 2.44 5.86
C GLU D 203 -6.67 1.77 4.50
N TYR D 204 -6.22 2.38 3.41
CA TYR D 204 -6.53 1.78 2.11
C TYR D 204 -5.34 1.50 1.23
N THR D 205 -4.13 1.71 1.74
CA THR D 205 -2.96 1.50 0.91
C THR D 205 -1.86 0.62 1.49
N ASN D 206 -1.34 -0.26 0.66
CA ASN D 206 -0.21 -1.09 1.04
C ASN D 206 1.04 -0.60 0.28
N GLU D 207 2.20 -0.68 0.92
CA GLU D 207 3.42 -0.32 0.24
C GLU D 207 4.25 -1.61 0.07
N LEU D 208 4.39 -2.06 -1.17
CA LEU D 208 5.14 -3.26 -1.53
C LEU D 208 6.63 -2.96 -1.74
N LYS D 209 7.48 -3.79 -1.13
CA LYS D 209 8.93 -3.67 -1.28
C LYS D 209 9.27 -4.79 -2.26
N LEU D 210 9.66 -4.42 -3.46
CA LEU D 210 9.95 -5.39 -4.50
C LEU D 210 11.44 -5.55 -4.80
N LYS D 211 11.81 -6.71 -5.28
CA LYS D 211 13.18 -6.96 -5.66
C LYS D 211 13.13 -8.06 -6.76
N ASP D 212 13.75 -7.80 -7.91
CA ASP D 212 13.69 -8.78 -9.00
C ASP D 212 15.03 -9.42 -9.23
N ALA D 213 15.17 -10.13 -10.35
CA ALA D 213 16.41 -10.83 -10.67
C ALA D 213 17.63 -9.97 -10.83
N SER D 214 17.42 -8.69 -11.10
CA SER D 214 18.51 -7.76 -11.27
C SER D 214 19.09 -7.33 -9.94
N GLY D 215 18.42 -7.73 -8.85
CA GLY D 215 18.89 -7.37 -7.52
C GLY D 215 18.50 -5.97 -7.07
N GLN D 216 17.78 -5.24 -7.92
CA GLN D 216 17.34 -3.89 -7.60
C GLN D 216 16.06 -3.90 -6.76
N VAL D 217 16.04 -3.05 -5.74
CA VAL D 217 14.86 -2.95 -4.89
C VAL D 217 13.99 -1.78 -5.29
N PHE D 218 12.67 -1.97 -5.28
CA PHE D 218 11.75 -0.88 -5.59
C PHE D 218 10.54 -0.95 -4.65
N TYR D 219 9.92 0.21 -4.45
CA TYR D 219 8.70 0.31 -3.67
C TYR D 219 7.56 0.75 -4.59
N THR D 220 6.35 0.33 -4.26
CA THR D 220 5.17 0.71 -5.02
C THR D 220 3.93 0.67 -4.13
N LEU D 221 2.98 1.57 -4.36
CA LEU D 221 1.74 1.56 -3.58
C LEU D 221 0.68 0.67 -4.22
N SER D 222 0.08 -0.20 -3.40
CA SER D 222 -0.92 -1.16 -3.85
C SER D 222 -2.14 -1.10 -2.92
N LEU D 223 -3.26 -0.62 -3.46
CA LEU D 223 -4.50 -0.50 -2.72
C LEU D 223 -4.93 -1.86 -2.22
N LYS D 224 -5.37 -1.93 -0.96
CA LYS D 224 -5.82 -3.18 -0.34
C LYS D 224 -6.99 -3.81 -1.08
N LEU D 225 -7.98 -2.99 -1.38
CA LEU D 225 -9.18 -3.47 -2.04
C LEU D 225 -8.94 -4.02 -3.43
N LYS D 226 -8.01 -3.40 -4.14
CA LYS D 226 -7.69 -3.82 -5.51
C LYS D 226 -6.80 -5.03 -5.58
N PHE D 227 -5.78 -5.09 -4.73
CA PHE D 227 -4.87 -6.23 -4.71
C PHE D 227 -4.76 -6.86 -3.30
N PRO D 228 -5.84 -7.54 -2.83
CA PRO D 228 -5.83 -8.18 -1.50
C PRO D 228 -5.05 -9.48 -1.42
N HIS D 229 -4.48 -9.91 -2.53
CA HIS D 229 -3.74 -11.15 -2.58
C HIS D 229 -2.24 -11.00 -2.46
N VAL D 230 -1.77 -9.77 -2.27
CA VAL D 230 -0.33 -9.56 -2.10
C VAL D 230 0.15 -10.24 -0.83
N ARG D 231 1.23 -11.03 -0.93
CA ARG D 231 1.79 -11.74 0.23
C ARG D 231 3.32 -11.72 0.22
N THR D 232 3.92 -11.49 1.39
CA THR D 232 5.38 -11.50 1.49
C THR D 232 5.98 -12.84 1.05
N GLY D 233 7.13 -12.75 0.39
CA GLY D 233 7.84 -13.94 -0.09
C GLY D 233 7.31 -14.51 -1.40
N GLU D 234 6.21 -13.93 -1.86
CA GLU D 234 5.57 -14.41 -3.09
C GLU D 234 6.06 -13.64 -4.31
N VAL D 235 6.04 -14.32 -5.44
CA VAL D 235 6.48 -13.69 -6.67
C VAL D 235 5.29 -13.25 -7.51
N VAL D 236 5.33 -12.02 -8.00
CA VAL D 236 4.23 -11.51 -8.82
C VAL D 236 4.70 -10.82 -10.11
N ARG D 237 3.76 -10.69 -11.03
CA ARG D 237 4.04 -9.99 -12.27
C ARG D 237 3.24 -8.69 -12.24
N ILE D 238 3.88 -7.56 -12.48
CA ILE D 238 3.16 -6.31 -12.46
C ILE D 238 3.00 -5.81 -13.89
N ARG D 239 1.75 -5.67 -14.30
CA ARG D 239 1.42 -5.19 -15.63
C ARG D 239 1.24 -3.68 -15.61
N SER D 240 2.12 -2.97 -16.32
CA SER D 240 2.11 -1.53 -16.48
C SER D 240 2.52 -0.73 -15.27
N ALA D 241 3.78 -0.31 -15.28
CA ALA D 241 4.30 0.49 -14.18
C ALA D 241 5.22 1.55 -14.77
N THR D 242 5.35 2.68 -14.06
CA THR D 242 6.27 3.75 -14.49
C THR D 242 7.27 4.13 -13.41
N TYR D 243 8.45 4.57 -13.86
CA TYR D 243 9.51 4.97 -12.95
C TYR D 243 9.19 6.35 -12.42
N ASP D 244 9.16 6.49 -11.09
CA ASP D 244 8.85 7.78 -10.47
C ASP D 244 10.08 8.67 -10.41
N GLU D 245 10.13 9.69 -11.25
CA GLU D 245 11.26 10.61 -11.26
C GLU D 245 11.28 11.59 -10.11
N THR D 246 10.14 11.76 -9.44
CA THR D 246 10.01 12.68 -8.32
C THR D 246 10.43 12.08 -6.99
N SER D 247 10.75 10.79 -6.95
CA SER D 247 11.14 10.17 -5.70
C SER D 247 12.66 10.12 -5.61
N THR D 248 13.20 10.86 -4.66
CA THR D 248 14.64 10.92 -4.49
C THR D 248 15.13 10.06 -3.32
N GLN D 249 14.31 9.96 -2.27
CA GLN D 249 14.66 9.19 -1.07
C GLN D 249 14.65 7.69 -1.30
N LYS D 250 13.86 7.25 -2.28
CA LYS D 250 13.78 5.83 -2.59
C LYS D 250 13.22 5.54 -3.98
N LYS D 251 13.56 4.39 -4.54
CA LYS D 251 13.07 3.99 -5.86
C LYS D 251 11.60 3.62 -5.75
N VAL D 252 10.77 4.31 -6.54
CA VAL D 252 9.34 4.08 -6.52
C VAL D 252 8.73 3.78 -7.89
N LEU D 253 7.85 2.80 -7.94
CA LEU D 253 7.14 2.46 -9.17
C LEU D 253 5.72 3.03 -9.04
N ILE D 254 5.21 3.61 -10.13
CA ILE D 254 3.87 4.18 -10.17
C ILE D 254 2.92 3.27 -10.95
N LEU D 255 1.76 2.98 -10.38
CA LEU D 255 0.79 2.14 -11.05
C LEU D 255 -0.40 2.97 -11.44
N SER D 256 -1.14 2.52 -12.46
CA SER D 256 -2.33 3.21 -12.96
C SER D 256 -3.57 2.42 -12.63
N HIS D 257 -4.74 2.99 -12.84
CA HIS D 257 -5.99 2.27 -12.57
C HIS D 257 -6.12 0.99 -13.41
N TYR D 258 -5.44 0.96 -14.56
CA TYR D 258 -5.47 -0.23 -15.42
C TYR D 258 -4.33 -1.20 -15.15
N SER D 259 -3.38 -0.80 -14.29
CA SER D 259 -2.26 -1.68 -13.93
C SER D 259 -2.79 -2.87 -13.14
N ASN D 260 -2.02 -3.94 -13.16
CA ASN D 260 -2.42 -5.17 -12.46
C ASN D 260 -1.27 -5.92 -11.81
N ILE D 261 -1.55 -6.59 -10.71
CA ILE D 261 -0.52 -7.35 -10.01
C ILE D 261 -1.00 -8.79 -10.01
N ILE D 262 -0.24 -9.67 -10.63
CA ILE D 262 -0.63 -11.05 -10.77
C ILE D 262 0.35 -12.06 -10.22
N THR D 263 -0.18 -13.08 -9.55
CA THR D 263 0.65 -14.15 -9.01
C THR D 263 0.66 -15.32 -9.99
N PHE D 264 1.40 -16.36 -9.67
CA PHE D 264 1.50 -17.51 -10.56
C PHE D 264 0.92 -18.77 -9.94
N ILE D 265 0.41 -19.66 -10.77
CA ILE D 265 -0.10 -20.93 -10.25
C ILE D 265 1.05 -21.78 -9.69
N GLN D 266 0.73 -22.64 -8.72
CA GLN D 266 1.69 -23.50 -8.02
C GLN D 266 2.77 -24.12 -8.93
N SER D 267 2.37 -24.64 -10.08
CA SER D 267 3.32 -25.28 -10.98
C SER D 267 4.31 -24.36 -11.70
N SER D 268 4.17 -23.06 -11.49
CA SER D 268 5.03 -22.08 -12.16
C SER D 268 6.50 -22.31 -11.91
N LYS D 269 7.22 -22.58 -12.97
CA LYS D 269 8.65 -22.80 -12.89
C LYS D 269 9.35 -21.47 -12.59
N LEU D 270 8.93 -20.43 -13.28
CA LEU D 270 9.49 -19.10 -13.09
C LEU D 270 9.31 -18.60 -11.65
N ALA D 271 8.12 -18.82 -11.10
CA ALA D 271 7.82 -18.37 -9.73
C ALA D 271 8.65 -19.15 -8.71
N LYS D 272 8.77 -20.45 -8.93
CA LYS D 272 9.54 -21.31 -8.05
C LYS D 272 11.02 -20.90 -8.01
N GLU D 273 11.63 -20.71 -9.18
CA GLU D 273 13.05 -20.33 -9.25
C GLU D 273 13.31 -18.98 -8.63
N LEU D 274 12.40 -18.04 -8.85
CA LEU D 274 12.55 -16.70 -8.32
C LEU D 274 12.35 -16.63 -6.81
N ARG D 275 11.48 -17.47 -6.29
CA ARG D 275 11.25 -17.48 -4.84
C ARG D 275 12.52 -17.90 -4.10
N ALA D 276 13.29 -18.79 -4.71
CA ALA D 276 14.54 -19.30 -4.13
C ALA D 276 15.74 -18.44 -4.49
N LYS D 277 15.80 -18.02 -5.75
CA LYS D 277 16.92 -17.22 -6.21
C LYS D 277 16.99 -15.85 -5.54
N ILE D 278 15.89 -15.11 -5.59
CA ILE D 278 15.85 -13.78 -5.02
C ILE D 278 15.83 -13.81 -3.49
N GLN D 279 16.87 -13.25 -2.89
CA GLN D 279 16.95 -13.24 -1.43
C GLN D 279 16.71 -11.88 -0.81
N ASP D 280 16.12 -11.90 0.38
CA ASP D 280 15.78 -10.69 1.10
C ASP D 280 16.95 -9.72 1.15
N ASP D 281 16.65 -8.43 1.15
CA ASP D 281 17.69 -7.41 1.18
C ASP D 281 17.34 -6.43 2.28
N HIS D 282 18.36 -6.02 3.05
CA HIS D 282 18.18 -5.06 4.14
C HIS D 282 19.11 -3.87 3.99
N SER D 283 19.75 -3.77 2.83
CA SER D 283 20.69 -2.67 2.58
C SER D 283 19.99 -1.33 2.72
N VAL D 284 18.77 -1.26 2.21
CA VAL D 284 18.00 -0.01 2.29
C VAL D 284 17.70 0.38 3.74
N GLU D 285 17.43 -0.62 4.56
CA GLU D 285 17.12 -0.38 5.96
C GLU D 285 18.38 0.05 6.70
N VAL D 286 19.49 -0.67 6.46
CA VAL D 286 20.75 -0.39 7.11
C VAL D 286 21.21 1.03 6.82
N ALA D 287 20.96 1.48 5.60
CA ALA D 287 21.39 2.81 5.23
C ALA D 287 20.50 3.88 5.82
N SER D 288 19.22 3.56 5.93
CA SER D 288 18.25 4.53 6.44
C SER D 288 18.50 4.84 7.90
N LEU D 289 19.00 3.85 8.63
CA LEU D 289 19.28 4.05 10.06
C LEU D 289 20.39 5.06 10.31
N LYS D 290 21.09 5.47 9.26
CA LYS D 290 22.17 6.44 9.40
C LYS D 290 21.65 7.86 9.22
N LYS D 291 20.43 7.98 8.70
CA LYS D 291 19.81 9.28 8.46
C LYS D 291 18.91 9.71 9.62
N ASN D 292 18.89 11.00 9.89
CA ASN D 292 18.07 11.53 10.97
C ASN D 292 16.60 11.29 10.68
N VAL D 293 16.24 11.37 9.39
CA VAL D 293 14.86 11.16 8.96
C VAL D 293 14.82 10.29 7.71
N SER D 294 14.31 9.08 7.86
CA SER D 294 14.21 8.15 6.73
C SER D 294 12.80 8.06 6.16
N LEU D 295 12.67 8.25 4.86
CA LEU D 295 11.37 8.14 4.21
C LEU D 295 11.08 6.68 3.89
N ASN D 296 12.01 5.81 4.24
CA ASN D 296 11.83 4.38 4.03
C ASN D 296 11.44 3.71 5.34
N ALA D 297 10.42 2.86 5.30
CA ALA D 297 9.98 2.12 6.47
C ALA D 297 10.97 1.03 6.83
N VAL D 298 11.11 0.75 8.11
CA VAL D 298 12.01 -0.28 8.57
C VAL D 298 11.38 -1.17 9.65
N VAL D 299 11.21 -2.45 9.33
CA VAL D 299 10.69 -3.40 10.29
C VAL D 299 11.88 -3.92 11.13
N LEU D 300 11.97 -3.47 12.38
CA LEU D 300 13.08 -3.82 13.26
C LEU D 300 13.03 -5.21 13.84
N THR D 301 11.93 -5.93 13.64
CA THR D 301 11.83 -7.26 14.25
C THR D 301 11.38 -8.36 13.31
N GLU D 302 11.46 -9.58 13.79
CA GLU D 302 11.03 -10.76 13.04
C GLU D 302 10.44 -11.76 14.03
N VAL D 303 9.36 -12.41 13.64
CA VAL D 303 8.71 -13.38 14.50
C VAL D 303 9.25 -14.77 14.24
N ASP D 304 9.16 -15.63 15.26
CA ASP D 304 9.62 -17.01 15.14
C ASP D 304 8.96 -17.65 13.92
N LYS D 305 9.72 -18.49 13.23
CA LYS D 305 9.26 -19.17 12.03
C LYS D 305 7.92 -19.87 12.21
N LYS D 306 7.62 -20.33 13.41
CA LYS D 306 6.38 -21.03 13.65
C LYS D 306 5.16 -20.12 13.63
N HIS D 307 5.37 -18.82 13.48
CA HIS D 307 4.26 -17.87 13.42
C HIS D 307 4.16 -17.16 12.06
N ALA D 308 5.15 -17.41 11.20
CA ALA D 308 5.18 -16.78 9.87
C ALA D 308 3.88 -16.99 9.10
N ALA D 309 3.15 -18.05 9.42
CA ALA D 309 1.89 -18.34 8.73
C ALA D 309 0.69 -17.85 9.53
N LEU D 310 0.95 -17.08 10.58
CA LEU D 310 -0.12 -16.57 11.42
C LEU D 310 -0.61 -15.23 10.87
N PRO D 311 -1.93 -15.05 10.72
CA PRO D 311 -2.51 -13.80 10.21
C PRO D 311 -2.36 -12.68 11.22
N SER D 312 -2.26 -11.45 10.73
CA SER D 312 -2.12 -10.29 11.59
C SER D 312 -3.45 -9.68 12.01
N THR D 313 -3.44 -9.05 13.17
CA THR D 313 -4.64 -8.41 13.72
C THR D 313 -4.28 -6.97 14.06
N SER D 314 -5.09 -6.04 13.57
CA SER D 314 -4.84 -4.62 13.81
C SER D 314 -5.03 -4.25 15.28
N LEU D 315 -4.48 -3.10 15.64
CA LEU D 315 -4.62 -2.59 17.00
C LEU D 315 -6.08 -2.29 17.32
N GLN D 316 -6.81 -1.84 16.29
CA GLN D 316 -8.22 -1.51 16.42
C GLN D 316 -8.98 -2.72 16.93
N ASP D 317 -8.76 -3.89 16.30
CA ASP D 317 -9.46 -5.09 16.74
C ASP D 317 -8.91 -5.62 18.07
N LEU D 318 -7.60 -5.47 18.23
CA LEU D 318 -6.93 -5.92 19.44
C LEU D 318 -7.38 -5.22 20.72
N PHE D 319 -7.56 -3.91 20.65
CA PHE D 319 -7.96 -3.15 21.82
C PHE D 319 -9.40 -2.68 21.86
N HIS D 320 -10.11 -2.76 20.73
CA HIS D 320 -11.49 -2.27 20.67
C HIS D 320 -12.51 -3.32 20.34
N HIS D 321 -12.10 -4.47 19.86
CA HIS D 321 -13.06 -5.53 19.50
C HIS D 321 -12.66 -6.90 20.07
N ALA D 322 -11.54 -6.97 20.77
CA ALA D 322 -11.08 -8.24 21.34
C ALA D 322 -12.03 -8.82 22.43
N ASP D 323 -12.92 -8.00 22.94
CA ASP D 323 -13.85 -8.45 23.98
C ASP D 323 -15.31 -8.47 23.50
N SER D 324 -15.53 -8.26 22.22
CA SER D 324 -16.89 -8.26 21.70
C SER D 324 -17.03 -9.08 20.40
N ASP D 325 -15.90 -9.45 19.82
CA ASP D 325 -15.89 -10.24 18.59
C ASP D 325 -15.70 -11.72 18.91
N LYS D 326 -16.67 -12.52 18.50
CA LYS D 326 -16.63 -13.96 18.74
C LYS D 326 -15.27 -14.58 18.37
N GLU D 327 -14.79 -14.26 17.18
CA GLU D 327 -13.53 -14.80 16.70
C GLU D 327 -12.32 -14.37 17.53
N LEU D 328 -12.26 -13.09 17.89
CA LEU D 328 -11.15 -12.58 18.68
C LEU D 328 -11.17 -13.09 20.11
N GLN D 329 -12.36 -13.43 20.61
CA GLN D 329 -12.51 -13.90 21.98
C GLN D 329 -12.02 -15.32 22.17
N ALA D 330 -11.89 -16.05 21.06
CA ALA D 330 -11.44 -17.43 21.10
C ALA D 330 -9.92 -17.60 21.00
N GLN D 331 -9.22 -16.52 20.66
CA GLN D 331 -7.77 -16.58 20.53
C GLN D 331 -7.08 -15.88 21.71
N ASP D 332 -5.92 -16.40 22.10
CA ASP D 332 -5.15 -15.79 23.19
C ASP D 332 -3.83 -15.26 22.62
N THR D 333 -3.39 -15.84 21.50
CA THR D 333 -2.15 -15.43 20.84
C THR D 333 -2.45 -14.73 19.51
N PHE D 334 -1.86 -13.57 19.29
CA PHE D 334 -2.09 -12.82 18.05
C PHE D 334 -0.80 -12.27 17.49
N ARG D 335 -0.85 -11.88 16.22
CA ARG D 335 0.29 -11.28 15.55
C ARG D 335 -0.16 -9.89 15.09
N THR D 336 0.72 -8.90 15.18
CA THR D 336 0.32 -7.56 14.78
C THR D 336 1.54 -6.71 14.42
N GLN D 337 1.29 -5.51 13.89
CA GLN D 337 2.34 -4.57 13.52
C GLN D 337 2.02 -3.19 14.12
N PHE D 338 3.05 -2.42 14.43
CA PHE D 338 2.84 -1.08 14.99
C PHE D 338 4.16 -0.37 15.14
N TYR D 339 4.11 0.88 15.56
CA TYR D 339 5.31 1.64 15.81
C TYR D 339 5.25 2.17 17.24
N VAL D 340 6.40 2.20 17.92
CA VAL D 340 6.50 2.69 19.29
C VAL D 340 6.56 4.20 19.36
N THR D 341 5.61 4.80 20.08
CA THR D 341 5.57 6.25 20.26
C THR D 341 6.36 6.68 21.48
N LYS D 342 6.37 5.82 22.50
CA LYS D 342 7.08 6.11 23.74
C LYS D 342 7.33 4.79 24.48
N ILE D 343 8.41 4.79 25.26
CA ILE D 343 8.80 3.62 26.03
C ILE D 343 8.89 3.94 27.51
N GLU D 344 8.31 3.07 28.33
CA GLU D 344 8.32 3.30 29.76
C GLU D 344 8.91 2.09 30.44
N PRO D 345 9.68 2.31 31.54
CA PRO D 345 10.01 3.62 32.13
C PRO D 345 10.94 4.43 31.25
N SER D 346 10.89 5.75 31.41
CA SER D 346 11.73 6.65 30.64
C SER D 346 13.21 6.30 30.80
N ASP D 347 13.64 6.05 32.03
CA ASP D 347 15.04 5.70 32.29
C ASP D 347 15.32 4.28 31.80
N VAL D 348 16.14 4.15 30.76
CA VAL D 348 16.47 2.83 30.23
C VAL D 348 17.05 1.91 31.28
N LYS D 349 17.75 2.49 32.26
CA LYS D 349 18.37 1.70 33.33
C LYS D 349 17.34 0.96 34.18
N GLU D 350 16.12 1.49 34.22
CA GLU D 350 15.05 0.86 34.97
C GLU D 350 14.30 -0.20 34.17
N TRP D 351 14.72 -0.44 32.93
CA TRP D 351 14.06 -1.44 32.10
C TRP D 351 14.20 -2.82 32.72
N VAL D 352 15.29 -3.06 33.44
CA VAL D 352 15.48 -4.36 34.08
C VAL D 352 15.32 -4.20 35.58
N LYS D 353 14.39 -4.94 36.15
CA LYS D 353 14.07 -4.87 37.58
C LYS D 353 14.34 -6.21 38.23
N GLY D 354 14.45 -6.20 39.56
CA GLY D 354 14.65 -7.43 40.28
C GLY D 354 13.27 -7.99 40.57
N TYR D 355 13.13 -9.30 40.43
CA TYR D 355 11.81 -9.91 40.63
C TYR D 355 11.79 -11.02 41.67
N ASP D 356 10.87 -10.90 42.62
CA ASP D 356 10.70 -11.89 43.68
C ASP D 356 9.53 -12.78 43.28
N ARG D 357 9.83 -14.02 42.92
CA ARG D 357 8.82 -14.96 42.47
C ARG D 357 7.88 -15.47 43.56
N LYS D 358 8.11 -15.04 44.81
CA LYS D 358 7.28 -15.48 45.92
C LYS D 358 6.24 -14.44 46.28
N THR D 359 6.60 -13.17 46.19
CA THR D 359 5.66 -12.10 46.50
C THR D 359 5.10 -11.46 45.25
N LYS D 360 5.53 -11.96 44.09
CA LYS D 360 5.07 -11.45 42.80
C LYS D 360 5.32 -9.93 42.70
N LYS D 361 6.45 -9.49 43.27
CA LYS D 361 6.81 -8.08 43.25
C LYS D 361 8.15 -7.85 42.56
N SER D 362 8.30 -6.67 41.99
CA SER D 362 9.54 -6.33 41.30
C SER D 362 10.04 -5.02 41.90
N SER D 363 11.33 -4.75 41.78
CA SER D 363 11.89 -3.52 42.32
C SER D 363 13.13 -3.06 41.56
N SER D 364 13.54 -1.81 41.82
CA SER D 364 14.71 -1.23 41.17
C SER D 364 16.01 -1.88 41.63
N LEU D 365 16.95 -2.02 40.70
CA LEU D 365 18.23 -2.63 41.01
C LEU D 365 19.27 -1.57 41.35
N LYS D 366 18.80 -0.34 41.57
CA LYS D 366 19.71 0.74 41.89
C LYS D 366 20.25 0.46 43.30
N GLY D 367 19.67 -0.54 43.96
CA GLY D 367 20.09 -0.94 45.29
C GLY D 367 20.80 -2.30 45.26
N ALA D 368 21.03 -2.78 44.03
CA ALA D 368 21.71 -4.05 43.78
C ALA D 368 20.84 -5.32 43.83
N SER D 369 21.52 -6.46 43.73
CA SER D 369 20.93 -7.80 43.71
C SER D 369 19.88 -8.14 44.79
N GLY D 370 19.73 -7.27 45.79
CA GLY D 370 18.77 -7.55 46.86
C GLY D 370 17.31 -7.51 46.45
N LYS D 371 17.01 -7.87 45.20
CA LYS D 371 15.63 -7.84 44.72
C LYS D 371 15.19 -9.14 44.06
N GLY D 372 16.13 -10.03 43.77
CA GLY D 372 15.77 -11.30 43.14
C GLY D 372 16.28 -11.46 41.70
N ASP D 373 15.63 -12.35 40.95
CA ASP D 373 16.00 -12.61 39.56
C ASP D 373 15.76 -11.38 38.67
N ASN D 374 16.67 -11.14 37.73
CA ASN D 374 16.55 -9.99 36.84
C ASN D 374 15.60 -10.28 35.68
N ILE D 375 14.71 -9.33 35.41
CA ILE D 375 13.77 -9.51 34.32
C ILE D 375 13.51 -8.19 33.61
N PHE D 376 12.98 -8.29 32.41
CA PHE D 376 12.65 -7.10 31.66
C PHE D 376 11.22 -6.70 32.02
N GLN D 377 11.01 -5.41 32.29
CA GLN D 377 9.67 -4.88 32.55
C GLN D 377 9.51 -3.57 31.76
N VAL D 378 9.24 -3.73 30.46
CA VAL D 378 9.12 -2.59 29.56
C VAL D 378 7.70 -2.45 29.06
N GLN D 379 7.23 -1.22 29.00
CA GLN D 379 5.88 -0.98 28.53
C GLN D 379 5.91 -0.08 27.30
N PHE D 380 5.59 -0.68 26.17
CA PHE D 380 5.58 0.07 24.93
C PHE D 380 4.23 0.77 24.69
N LEU D 381 4.29 2.03 24.27
CA LEU D 381 3.08 2.78 23.90
C LEU D 381 3.11 2.77 22.37
N VAL D 382 2.20 2.02 21.74
CA VAL D 382 2.19 1.86 20.30
C VAL D 382 0.95 2.42 19.60
N LYS D 383 1.05 2.44 18.28
CA LYS D 383 -0.01 2.94 17.41
C LYS D 383 0.18 2.30 16.04
N ASP D 384 -0.89 2.24 15.25
CA ASP D 384 -0.78 1.68 13.91
C ASP D 384 -1.68 2.37 12.87
N ALA D 385 -1.77 1.75 11.69
CA ALA D 385 -2.56 2.32 10.61
C ALA D 385 -4.05 2.34 10.94
N SER D 386 -4.54 1.28 11.56
CA SER D 386 -5.96 1.20 11.92
C SER D 386 -6.38 2.21 12.98
N THR D 387 -5.42 2.76 13.72
CA THR D 387 -5.75 3.70 14.79
C THR D 387 -4.95 4.96 14.61
N GLN D 388 -4.45 5.16 13.40
CA GLN D 388 -3.63 6.32 13.05
C GLN D 388 -4.25 7.69 13.35
N LEU D 389 -5.56 7.82 13.20
CA LEU D 389 -6.23 9.10 13.42
C LEU D 389 -6.82 9.36 14.80
N ASN D 390 -7.10 8.30 15.58
CA ASN D 390 -7.69 8.51 16.90
C ASN D 390 -6.68 9.10 17.87
N ASN D 391 -7.17 9.58 19.00
CA ASN D 391 -6.33 10.20 20.04
C ASN D 391 -5.84 9.16 21.06
N ASN D 392 -5.60 7.95 20.59
CA ASN D 392 -5.11 6.92 21.50
C ASN D 392 -3.70 6.40 21.22
N THR D 393 -3.14 5.76 22.24
CA THR D 393 -1.85 5.12 22.17
C THR D 393 -2.12 3.80 22.89
N TYR D 394 -1.53 2.69 22.48
CA TYR D 394 -1.81 1.41 23.14
C TYR D 394 -0.62 0.74 23.79
N ARG D 395 -0.86 0.18 24.97
CA ARG D 395 0.20 -0.46 25.74
C ARG D 395 0.46 -1.89 25.34
N VAL D 396 1.72 -2.17 25.00
CA VAL D 396 2.18 -3.49 24.63
C VAL D 396 3.29 -3.76 25.64
N LEU D 397 3.11 -4.81 26.42
CA LEU D 397 4.06 -5.18 27.46
C LEU D 397 5.17 -6.15 27.05
N LEU D 398 6.29 -6.01 27.73
CA LEU D 398 7.43 -6.88 27.53
C LEU D 398 7.90 -7.29 28.95
N TYR D 399 7.16 -8.20 29.55
CA TYR D 399 7.45 -8.70 30.89
C TYR D 399 7.94 -10.11 30.73
N THR D 400 9.25 -10.32 30.92
CA THR D 400 9.86 -11.63 30.70
C THR D 400 10.02 -12.52 31.93
N GLN D 401 9.48 -12.09 33.08
CA GLN D 401 9.64 -12.89 34.30
C GLN D 401 9.32 -14.35 34.07
N ASP D 402 8.40 -14.65 33.16
CA ASP D 402 8.00 -16.04 32.87
C ASP D 402 8.65 -16.56 31.59
N GLY D 403 9.59 -15.78 31.06
CA GLY D 403 10.27 -16.21 29.85
C GLY D 403 9.70 -15.69 28.54
N LEU D 404 8.59 -14.96 28.60
CA LEU D 404 7.98 -14.43 27.39
C LEU D 404 8.71 -13.21 26.82
N GLY D 405 9.35 -13.40 25.67
CA GLY D 405 10.07 -12.31 25.05
C GLY D 405 11.39 -11.98 25.71
N ALA D 406 12.02 -12.94 26.39
CA ALA D 406 13.30 -12.71 27.07
C ALA D 406 14.44 -12.31 26.15
N ASN D 407 14.41 -12.80 24.91
CA ASN D 407 15.45 -12.50 23.94
C ASN D 407 15.07 -11.44 22.92
N PHE D 408 14.04 -10.64 23.24
CA PHE D 408 13.56 -9.59 22.33
C PHE D 408 14.64 -8.62 21.89
N PHE D 409 15.44 -8.17 22.85
CA PHE D 409 16.51 -7.22 22.56
C PHE D 409 17.85 -7.85 22.17
N ASN D 410 17.90 -9.18 22.12
CA ASN D 410 19.14 -9.87 21.79
C ASN D 410 20.13 -9.57 22.89
N VAL D 411 19.60 -9.18 24.06
CA VAL D 411 20.42 -8.86 25.21
C VAL D 411 19.82 -9.49 26.46
N LYS D 412 20.51 -10.45 27.07
CA LYS D 412 20.01 -11.12 28.27
C LYS D 412 19.82 -10.09 29.39
N ALA D 413 18.72 -10.20 30.13
CA ALA D 413 18.46 -9.29 31.24
C ALA D 413 19.70 -9.19 32.16
N ASP D 414 19.96 -7.98 32.64
CA ASP D 414 21.10 -7.76 33.52
C ASP D 414 20.94 -6.41 34.20
N ASN D 415 21.70 -6.19 35.27
CA ASN D 415 21.68 -4.91 35.97
C ASN D 415 22.26 -3.82 35.05
N LEU D 416 21.36 -3.02 34.46
CA LEU D 416 21.78 -1.96 33.55
C LEU D 416 22.51 -0.81 34.27
N HIS D 417 22.45 -0.81 35.59
CA HIS D 417 23.11 0.21 36.38
C HIS D 417 24.61 -0.10 36.48
N LYS D 418 24.98 -1.36 36.28
CA LYS D 418 26.36 -1.79 36.36
C LYS D 418 26.94 -2.31 35.05
N ASN D 419 26.09 -2.93 34.23
CA ASN D 419 26.57 -3.48 32.96
C ASN D 419 26.45 -2.42 31.88
N ALA D 420 27.53 -1.68 31.65
CA ALA D 420 27.53 -0.63 30.65
C ALA D 420 27.24 -1.15 29.27
N ASP D 421 27.80 -2.30 28.93
CA ASP D 421 27.58 -2.88 27.60
C ASP D 421 26.11 -3.14 27.32
N ALA D 422 25.43 -3.71 28.29
CA ALA D 422 24.03 -4.03 28.11
C ALA D 422 23.21 -2.75 28.05
N ARG D 423 23.58 -1.77 28.87
CA ARG D 423 22.84 -0.51 28.89
C ARG D 423 22.95 0.23 27.57
N LYS D 424 24.14 0.32 27.02
CA LYS D 424 24.34 0.99 25.75
C LYS D 424 23.57 0.34 24.58
N LYS D 425 23.56 -0.99 24.54
CA LYS D 425 22.86 -1.69 23.47
C LYS D 425 21.37 -1.41 23.52
N LEU D 426 20.82 -1.33 24.72
CA LEU D 426 19.41 -1.07 24.90
C LEU D 426 19.05 0.38 24.60
N GLU D 427 19.97 1.30 24.92
CA GLU D 427 19.75 2.72 24.61
C GLU D 427 19.64 2.93 23.11
N ASP D 428 20.53 2.29 22.32
CA ASP D 428 20.51 2.44 20.87
C ASP D 428 19.22 1.84 20.35
N SER D 429 18.83 0.69 20.87
CA SER D 429 17.60 0.05 20.44
C SER D 429 16.43 0.96 20.71
N ALA D 430 16.45 1.61 21.87
CA ALA D 430 15.38 2.54 22.23
C ALA D 430 15.23 3.68 21.22
N GLU D 431 16.35 4.25 20.79
CA GLU D 431 16.32 5.30 19.77
C GLU D 431 15.77 4.80 18.45
N LEU D 432 16.10 3.57 18.06
CA LEU D 432 15.62 2.98 16.82
C LEU D 432 14.12 2.73 16.87
N LEU D 433 13.62 2.23 18.00
CA LEU D 433 12.19 1.93 18.18
C LEU D 433 11.27 3.16 18.18
N THR D 434 11.73 4.25 18.76
CA THR D 434 10.94 5.48 18.77
C THR D 434 11.19 6.38 17.54
N LYS D 435 12.12 6.00 16.67
CA LYS D 435 12.43 6.77 15.46
C LYS D 435 11.32 6.63 14.40
N PHE D 436 10.94 7.74 13.79
CA PHE D 436 9.92 7.71 12.75
C PHE D 436 10.22 6.66 11.67
N ASN D 437 9.16 6.04 11.16
CA ASN D 437 9.25 5.00 10.15
C ASN D 437 9.77 3.65 10.62
N SER D 438 10.06 3.56 11.91
CA SER D 438 10.46 2.27 12.47
C SER D 438 9.19 1.53 12.90
N TYR D 439 9.05 0.28 12.50
CA TYR D 439 7.88 -0.48 12.92
C TYR D 439 8.28 -1.80 13.56
N VAL D 440 7.34 -2.41 14.29
CA VAL D 440 7.55 -3.70 14.93
C VAL D 440 6.57 -4.74 14.42
N ASP D 441 7.08 -5.94 14.14
CA ASP D 441 6.25 -7.06 13.71
C ASP D 441 6.43 -8.09 14.84
N ALA D 442 5.39 -8.29 15.65
CA ALA D 442 5.52 -9.23 16.74
C ALA D 442 4.27 -10.06 17.08
N VAL D 443 4.52 -11.15 17.78
CA VAL D 443 3.45 -12.00 18.27
C VAL D 443 3.22 -11.61 19.74
N VAL D 444 1.96 -11.61 20.16
CA VAL D 444 1.65 -11.24 21.54
C VAL D 444 0.67 -12.23 22.14
N GLU D 445 0.73 -12.41 23.44
CA GLU D 445 -0.17 -13.31 24.15
C GLU D 445 -1.02 -12.49 25.12
N ARG D 446 -2.33 -12.69 25.04
CA ARG D 446 -3.26 -11.98 25.89
C ARG D 446 -3.25 -12.54 27.31
N ARG D 447 -3.03 -11.68 28.29
CA ARG D 447 -3.03 -12.15 29.67
C ARG D 447 -3.65 -11.08 30.55
N ASN D 448 -4.74 -11.45 31.22
CA ASN D 448 -5.46 -10.54 32.12
C ASN D 448 -5.68 -9.16 31.51
N GLY D 449 -6.22 -9.15 30.29
CA GLY D 449 -6.50 -7.91 29.59
C GLY D 449 -5.32 -7.16 29.00
N PHE D 450 -4.12 -7.72 29.12
CA PHE D 450 -2.94 -7.06 28.56
C PHE D 450 -2.25 -7.97 27.53
N TYR D 451 -1.50 -7.34 26.63
CA TYR D 451 -0.75 -8.06 25.60
C TYR D 451 0.74 -8.06 25.90
N LEU D 452 1.34 -9.24 25.95
CA LEU D 452 2.77 -9.39 26.21
C LEU D 452 3.47 -9.94 24.95
N ILE D 453 4.57 -9.30 24.58
CA ILE D 453 5.35 -9.73 23.43
C ILE D 453 6.04 -11.08 23.68
N LYS D 454 6.09 -11.91 22.65
CA LYS D 454 6.78 -13.18 22.74
C LYS D 454 7.20 -13.67 21.36
N ASP D 455 8.19 -14.57 21.33
CA ASP D 455 8.69 -15.14 20.08
C ASP D 455 9.00 -14.06 19.05
N THR D 456 9.57 -12.96 19.51
CA THR D 456 9.90 -11.85 18.63
C THR D 456 11.26 -11.34 19.02
N LYS D 457 12.08 -11.01 18.04
CA LYS D 457 13.43 -10.49 18.29
C LYS D 457 13.83 -9.40 17.32
N LEU D 458 14.54 -8.40 17.81
CA LEU D 458 15.07 -7.34 16.97
C LEU D 458 16.07 -7.96 15.99
N ILE D 459 16.19 -7.36 14.81
CA ILE D 459 17.11 -7.82 13.78
C ILE D 459 18.10 -6.72 13.41
N TYR D 460 18.15 -5.68 14.23
CA TYR D 460 19.09 -4.58 14.03
C TYR D 460 19.69 -4.18 15.40
N GLN E 1 17.87 16.00 -6.35
CA GLN E 1 17.15 17.24 -6.79
C GLN E 1 15.72 16.95 -7.23
N GLN E 2 14.77 17.55 -6.51
CA GLN E 2 13.35 17.37 -6.79
C GLN E 2 12.96 18.03 -8.10
N GLN E 3 12.33 17.25 -8.97
CA GLN E 3 11.90 17.78 -10.27
C GLN E 3 10.50 18.39 -10.20
N SER E 4 9.65 17.82 -9.35
CA SER E 4 8.29 18.31 -9.20
C SER E 4 8.23 19.55 -8.31
N ALA E 5 7.88 20.68 -8.90
CA ALA E 5 7.83 21.92 -8.17
C ALA E 5 6.83 21.84 -7.02
N PHE E 6 5.66 21.30 -7.30
CA PHE E 6 4.62 21.16 -6.28
C PHE E 6 5.08 20.27 -5.14
N LYS E 7 5.64 19.11 -5.45
CA LYS E 7 6.07 18.18 -4.41
C LYS E 7 7.10 18.82 -3.47
N GLN E 8 8.05 19.53 -4.06
CA GLN E 8 9.07 20.18 -3.28
C GLN E 8 8.48 21.28 -2.39
N LEU E 9 7.56 22.06 -2.95
CA LEU E 9 6.93 23.13 -2.19
C LEU E 9 6.13 22.60 -1.02
N TYR E 10 5.20 21.70 -1.32
CA TYR E 10 4.35 21.11 -0.29
C TYR E 10 5.16 20.30 0.74
N THR E 11 6.28 19.73 0.30
CA THR E 11 7.10 18.93 1.20
C THR E 11 7.76 19.82 2.23
N GLU E 12 8.37 20.90 1.76
CA GLU E 12 9.04 21.82 2.66
C GLU E 12 8.08 22.45 3.64
N LEU E 13 6.90 22.80 3.15
CA LEU E 13 5.88 23.38 4.02
C LEU E 13 5.62 22.44 5.21
N PHE E 14 5.42 21.14 4.93
CA PHE E 14 5.18 20.18 5.99
C PHE E 14 6.41 19.98 6.88
N ASN E 15 7.59 19.94 6.28
CA ASN E 15 8.82 19.76 7.03
C ASN E 15 9.18 21.03 7.79
N ASN E 16 8.36 22.07 7.65
CA ASN E 16 8.59 23.32 8.37
C ASN E 16 7.36 23.74 9.15
N GLU E 17 6.78 22.79 9.89
CA GLU E 17 5.58 22.99 10.71
C GLU E 17 4.54 23.90 10.08
N GLY E 18 4.27 23.69 8.79
CA GLY E 18 3.27 24.49 8.10
C GLY E 18 3.53 25.99 8.10
N ASP E 19 4.76 26.39 8.38
CA ASP E 19 5.11 27.81 8.38
C ASP E 19 5.61 28.21 7.00
N PHE E 20 4.75 28.82 6.20
CA PHE E 20 5.10 29.23 4.86
C PHE E 20 6.23 30.26 4.78
N SER E 21 6.50 30.95 5.88
CA SER E 21 7.54 31.95 5.88
C SER E 21 8.91 31.30 6.05
N LYS E 22 8.91 30.04 6.49
CA LYS E 22 10.16 29.31 6.69
C LYS E 22 10.60 28.51 5.46
N VAL E 23 9.74 28.45 4.45
CA VAL E 23 10.07 27.72 3.23
C VAL E 23 11.01 28.54 2.37
N SER E 24 11.90 27.87 1.66
CA SER E 24 12.87 28.53 0.80
C SER E 24 12.25 29.67 -0.01
N SER E 25 12.92 30.82 -0.02
CA SER E 25 12.43 31.98 -0.75
C SER E 25 12.62 31.80 -2.25
N ASN E 26 13.66 31.06 -2.64
CA ASN E 26 13.94 30.81 -4.04
C ASN E 26 12.90 29.89 -4.68
N LEU E 27 11.82 29.65 -3.97
CA LEU E 27 10.75 28.79 -4.46
C LEU E 27 9.43 29.56 -4.57
N LYS E 28 9.43 30.79 -4.08
CA LYS E 28 8.24 31.62 -4.10
C LYS E 28 8.13 32.44 -5.38
N LYS E 29 8.62 31.88 -6.47
CA LYS E 29 8.57 32.54 -7.77
C LYS E 29 7.28 32.15 -8.50
N PRO E 30 6.88 32.93 -9.52
CA PRO E 30 5.66 32.63 -10.28
C PRO E 30 5.57 31.17 -10.71
N LEU E 31 4.36 30.64 -10.75
CA LEU E 31 4.14 29.25 -11.11
C LEU E 31 3.36 29.09 -12.41
N LYS E 32 4.03 28.54 -13.42
CA LYS E 32 3.38 28.31 -14.71
C LYS E 32 2.95 26.85 -14.74
N CYS E 33 1.65 26.62 -14.70
CA CYS E 33 1.12 25.25 -14.69
C CYS E 33 0.01 24.96 -15.70
N TYR E 34 -0.10 23.70 -16.08
CA TYR E 34 -1.11 23.23 -17.03
C TYR E 34 -2.41 22.92 -16.31
N VAL E 35 -3.52 23.36 -16.90
CA VAL E 35 -4.83 23.10 -16.29
C VAL E 35 -5.39 21.76 -16.77
N LYS E 36 -5.35 20.76 -15.90
CA LYS E 36 -5.83 19.44 -16.24
C LYS E 36 -7.34 19.42 -16.28
N GLU E 37 -7.95 20.01 -15.27
CA GLU E 37 -9.40 20.07 -15.18
C GLU E 37 -9.82 21.43 -14.67
N SER E 38 -11.09 21.77 -14.83
CA SER E 38 -11.61 23.06 -14.39
C SER E 38 -12.97 22.93 -13.72
N TYR E 39 -13.63 21.78 -13.91
CA TYR E 39 -14.94 21.56 -13.31
C TYR E 39 -15.32 20.10 -13.50
N PRO E 40 -15.95 19.48 -12.48
CA PRO E 40 -16.35 20.06 -11.18
C PRO E 40 -15.14 20.36 -10.27
N HIS E 41 -13.94 19.96 -10.69
CA HIS E 41 -12.74 20.20 -9.89
C HIS E 41 -11.66 20.88 -10.71
N PHE E 42 -11.21 22.05 -10.25
CA PHE E 42 -10.18 22.77 -10.97
C PHE E 42 -8.83 22.23 -10.51
N LEU E 43 -8.14 21.51 -11.39
CA LEU E 43 -6.86 20.91 -11.03
C LEU E 43 -5.77 21.29 -12.01
N VAL E 44 -4.64 21.73 -11.47
CA VAL E 44 -3.49 22.13 -12.30
C VAL E 44 -2.31 21.20 -12.04
N THR E 45 -1.41 21.09 -13.00
CA THR E 45 -0.25 20.22 -12.83
C THR E 45 1.04 20.95 -13.08
N ASP E 46 2.14 20.41 -12.58
CA ASP E 46 3.46 21.02 -12.74
C ASP E 46 4.29 20.08 -13.60
N GLY E 47 3.61 19.20 -14.33
CA GLY E 47 4.31 18.26 -15.17
C GLY E 47 4.44 16.90 -14.53
N TYR E 48 4.21 16.80 -13.22
CA TYR E 48 4.31 15.53 -12.51
C TYR E 48 3.09 15.25 -11.61
N PHE E 49 2.64 16.25 -10.88
CA PHE E 49 1.49 16.09 -10.00
C PHE E 49 0.46 17.18 -10.24
N PHE E 50 -0.75 16.93 -9.76
CA PHE E 50 -1.81 17.93 -9.88
C PHE E 50 -2.31 18.35 -8.49
N VAL E 51 -2.55 19.65 -8.34
CA VAL E 51 -3.06 20.19 -7.08
C VAL E 51 -4.27 21.07 -7.33
N ALA E 52 -5.01 21.33 -6.25
CA ALA E 52 -6.20 22.16 -6.37
C ALA E 52 -5.96 23.55 -5.81
N PRO E 53 -5.90 24.57 -6.68
CA PRO E 53 -5.67 25.94 -6.25
C PRO E 53 -6.95 26.55 -5.68
N TYR E 54 -6.79 27.37 -4.63
CA TYR E 54 -7.94 28.03 -3.99
C TYR E 54 -7.90 29.53 -4.28
N PHE E 55 -8.80 29.98 -5.15
CA PHE E 55 -8.89 31.38 -5.53
C PHE E 55 -9.66 32.21 -4.51
N THR E 56 -9.12 33.39 -4.21
CA THR E 56 -9.76 34.32 -3.29
C THR E 56 -10.76 35.11 -4.11
N LYS E 57 -11.75 35.70 -3.45
CA LYS E 57 -12.77 36.49 -4.15
C LYS E 57 -12.13 37.65 -4.91
N GLU E 58 -10.95 38.08 -4.48
CA GLU E 58 -10.24 39.17 -5.13
C GLU E 58 -9.61 38.67 -6.42
N ALA E 59 -8.86 37.58 -6.30
CA ALA E 59 -8.18 36.97 -7.43
C ALA E 59 -9.08 36.76 -8.64
N VAL E 60 -10.32 36.34 -8.39
CA VAL E 60 -11.28 36.10 -9.48
C VAL E 60 -11.78 37.41 -10.10
N ASN E 61 -12.12 38.39 -9.28
CA ASN E 61 -12.61 39.67 -9.79
C ASN E 61 -11.52 40.32 -10.64
N GLU E 62 -10.27 40.23 -10.18
CA GLU E 62 -9.17 40.81 -10.91
C GLU E 62 -9.07 40.13 -12.27
N PHE E 63 -9.18 38.81 -12.25
CA PHE E 63 -9.13 37.99 -13.46
C PHE E 63 -10.19 38.45 -14.45
N HIS E 64 -11.44 38.42 -14.01
CA HIS E 64 -12.60 38.82 -14.82
C HIS E 64 -12.46 40.24 -15.35
N ALA E 65 -11.65 41.04 -14.67
CA ALA E 65 -11.44 42.42 -15.07
C ALA E 65 -10.45 42.53 -16.22
N LYS E 66 -9.28 41.90 -16.06
CA LYS E 66 -8.25 41.93 -17.09
C LYS E 66 -8.53 40.96 -18.24
N PHE E 67 -9.44 40.01 -18.00
CA PHE E 67 -9.78 39.03 -19.04
C PHE E 67 -11.27 38.75 -19.10
N PRO E 68 -12.04 39.70 -19.68
CA PRO E 68 -13.50 39.56 -19.81
C PRO E 68 -13.90 38.45 -20.75
N ASN E 69 -13.08 38.19 -21.76
CA ASN E 69 -13.37 37.14 -22.73
C ASN E 69 -12.89 35.75 -22.30
N VAL E 70 -12.66 35.57 -20.99
CA VAL E 70 -12.15 34.30 -20.49
C VAL E 70 -12.90 33.79 -19.27
N ASN E 71 -13.47 32.60 -19.38
CA ASN E 71 -14.17 31.97 -18.28
C ASN E 71 -13.24 30.95 -17.61
N ILE E 72 -13.07 31.06 -16.31
CA ILE E 72 -12.19 30.17 -15.56
C ILE E 72 -12.62 28.71 -15.62
N VAL E 73 -13.92 28.47 -15.53
CA VAL E 73 -14.46 27.11 -15.57
C VAL E 73 -14.29 26.46 -16.95
N ASP E 74 -13.67 27.18 -17.89
CA ASP E 74 -13.45 26.66 -19.23
C ASP E 74 -11.98 26.73 -19.63
N LEU E 75 -11.11 26.74 -18.62
CA LEU E 75 -9.67 26.82 -18.87
C LEU E 75 -9.01 25.45 -19.00
N THR E 76 -9.82 24.39 -19.07
CA THR E 76 -9.29 23.05 -19.18
C THR E 76 -8.39 22.94 -20.39
N ASP E 77 -7.27 22.27 -20.21
CA ASP E 77 -6.30 22.06 -21.28
C ASP E 77 -5.56 23.35 -21.64
N LYS E 78 -5.78 24.38 -20.83
CA LYS E 78 -5.14 25.68 -21.03
C LYS E 78 -4.09 25.85 -19.93
N VAL E 79 -3.20 26.83 -20.11
CA VAL E 79 -2.15 27.08 -19.12
C VAL E 79 -2.36 28.42 -18.40
N ILE E 80 -1.99 28.48 -17.13
CA ILE E 80 -2.13 29.70 -16.34
C ILE E 80 -0.84 30.01 -15.61
N VAL E 81 -0.70 31.27 -15.17
CA VAL E 81 0.49 31.69 -14.45
C VAL E 81 0.11 32.39 -13.15
N ILE E 82 0.34 31.72 -12.03
CA ILE E 82 0.00 32.27 -10.73
C ILE E 82 1.15 33.13 -10.24
N ASN E 83 1.01 34.45 -10.40
CA ASN E 83 2.04 35.40 -10.00
C ASN E 83 2.09 35.64 -8.49
N ASN E 84 0.93 35.67 -7.85
CA ASN E 84 0.86 35.90 -6.42
C ASN E 84 0.12 34.76 -5.73
N TRP E 85 0.85 33.97 -4.94
CA TRP E 85 0.25 32.83 -4.24
C TRP E 85 0.91 32.60 -2.89
N SER E 86 0.25 31.80 -2.06
CA SER E 86 0.74 31.45 -0.72
C SER E 86 0.29 30.02 -0.35
N LEU E 87 1.01 29.40 0.59
CA LEU E 87 0.68 28.06 1.03
C LEU E 87 0.36 28.02 2.53
N GLU E 88 -0.67 27.26 2.89
CA GLU E 88 -1.04 27.15 4.30
C GLU E 88 -1.63 25.78 4.59
N LEU E 89 -1.49 25.33 5.83
CA LEU E 89 -2.00 24.04 6.26
C LEU E 89 -3.43 24.15 6.81
N ARG E 90 -4.25 23.15 6.56
CA ARG E 90 -5.62 23.14 7.02
C ARG E 90 -6.05 21.74 7.46
N ARG E 91 -6.94 21.68 8.44
CA ARG E 91 -7.44 20.41 8.94
C ARG E 91 -8.72 20.10 8.18
N VAL E 92 -8.77 18.94 7.53
CA VAL E 92 -9.94 18.56 6.76
C VAL E 92 -10.31 17.09 6.94
N ASN E 93 -11.40 16.69 6.30
CA ASN E 93 -11.87 15.31 6.37
C ASN E 93 -11.40 14.62 5.10
N SER E 94 -10.24 13.97 5.16
CA SER E 94 -9.68 13.28 4.01
C SER E 94 -10.63 12.27 3.39
N ALA E 95 -11.66 11.88 4.13
CA ALA E 95 -12.63 10.91 3.62
C ALA E 95 -13.54 11.57 2.59
N GLU E 96 -13.57 12.91 2.61
CA GLU E 96 -14.41 13.67 1.69
C GLU E 96 -13.58 14.51 0.73
N VAL E 97 -12.40 14.93 1.17
CA VAL E 97 -11.49 15.73 0.35
C VAL E 97 -10.36 14.85 -0.18
N PHE E 98 -10.38 14.56 -1.49
CA PHE E 98 -9.37 13.69 -2.07
C PHE E 98 -8.03 14.38 -2.27
N THR E 99 -8.03 15.70 -2.09
CA THR E 99 -6.79 16.44 -2.23
C THR E 99 -6.16 16.67 -0.85
N SER E 100 -6.10 15.63 -0.04
CA SER E 100 -5.54 15.75 1.31
C SER E 100 -5.14 14.35 1.78
N TYR E 101 -4.61 14.27 3.00
CA TYR E 101 -4.20 12.98 3.56
C TYR E 101 -4.10 13.08 5.07
N ALA E 102 -4.60 12.05 5.75
CA ALA E 102 -4.57 12.02 7.22
C ALA E 102 -5.26 13.23 7.83
N ASN E 103 -6.37 13.65 7.23
CA ASN E 103 -7.15 14.79 7.71
C ASN E 103 -6.35 16.09 7.69
N LEU E 104 -5.33 16.14 6.85
CA LEU E 104 -4.52 17.34 6.73
C LEU E 104 -4.40 17.70 5.24
N GLU E 105 -4.34 19.00 4.97
CA GLU E 105 -4.21 19.48 3.60
C GLU E 105 -3.34 20.75 3.46
N ALA E 106 -2.48 20.73 2.46
CA ALA E 106 -1.65 21.88 2.15
C ALA E 106 -2.33 22.57 0.97
N ARG E 107 -2.91 23.75 1.23
CA ARG E 107 -3.62 24.51 0.20
C ARG E 107 -2.79 25.57 -0.54
N LEU E 108 -3.00 25.63 -1.85
CA LEU E 108 -2.31 26.61 -2.69
C LEU E 108 -3.26 27.78 -2.87
N ILE E 109 -3.07 28.81 -2.05
CA ILE E 109 -3.92 30.00 -2.11
C ILE E 109 -3.47 30.92 -3.24
N VAL E 110 -4.33 31.07 -4.23
CA VAL E 110 -4.03 31.92 -5.40
C VAL E 110 -4.58 33.32 -5.22
N HIS E 111 -3.71 34.32 -5.41
CA HIS E 111 -4.11 35.72 -5.29
C HIS E 111 -4.21 36.40 -6.65
N SER E 112 -3.43 35.92 -7.61
CA SER E 112 -3.42 36.49 -8.96
C SER E 112 -2.82 35.52 -9.97
N PHE E 113 -3.58 35.24 -11.04
CA PHE E 113 -3.11 34.33 -12.08
C PHE E 113 -3.52 34.80 -13.47
N LYS E 114 -2.57 34.69 -14.40
CA LYS E 114 -2.78 35.08 -15.80
C LYS E 114 -2.89 33.86 -16.72
N PRO E 115 -3.91 33.84 -17.58
CA PRO E 115 -4.13 32.72 -18.51
C PRO E 115 -3.40 32.91 -19.84
N ASN E 116 -2.29 32.19 -20.03
CA ASN E 116 -1.53 32.27 -21.28
C ASN E 116 -2.27 31.47 -22.35
N LEU E 117 -3.41 32.00 -22.78
CA LEU E 117 -4.26 31.38 -23.78
C LEU E 117 -3.54 30.83 -25.02
N GLN E 118 -3.88 29.59 -25.36
CA GLN E 118 -3.31 28.90 -26.50
C GLN E 118 -1.79 28.66 -26.50
N GLU E 119 -1.21 28.42 -25.32
CA GLU E 119 0.22 28.14 -25.24
C GLU E 119 0.38 26.64 -25.05
N ARG E 120 0.95 25.96 -26.05
CA ARG E 120 1.12 24.53 -25.95
C ARG E 120 2.30 24.19 -25.05
N LEU E 121 2.05 23.31 -24.08
CA LEU E 121 3.08 22.90 -23.13
C LEU E 121 3.75 21.59 -23.54
N ASN E 122 4.96 21.37 -23.04
CA ASN E 122 5.74 20.17 -23.34
C ASN E 122 5.07 18.90 -22.84
N PRO E 123 5.26 17.79 -23.57
CA PRO E 123 4.69 16.49 -23.21
C PRO E 123 5.26 15.99 -21.88
N THR E 124 4.38 15.57 -20.98
CA THR E 124 4.80 15.08 -19.67
C THR E 124 4.11 13.77 -19.31
N ARG E 125 4.43 13.26 -18.14
CA ARG E 125 3.86 12.01 -17.66
C ARG E 125 2.42 12.32 -17.23
N TYR E 126 1.60 11.29 -17.02
CA TYR E 126 0.24 11.49 -16.57
C TYR E 126 0.29 12.02 -15.11
N PRO E 127 -0.29 13.21 -14.88
CA PRO E 127 -0.33 13.82 -13.54
C PRO E 127 -1.12 13.00 -12.53
N VAL E 128 -0.54 12.85 -11.33
CA VAL E 128 -1.19 12.10 -10.26
C VAL E 128 -1.42 12.99 -9.04
N ASN E 129 -2.40 12.61 -8.22
CA ASN E 129 -2.74 13.33 -7.01
C ASN E 129 -1.51 13.37 -6.10
N LEU E 130 -0.99 14.57 -5.84
CA LEU E 130 0.19 14.69 -4.98
C LEU E 130 -0.04 14.05 -3.60
N PHE E 131 -1.29 14.09 -3.13
CA PHE E 131 -1.62 13.50 -1.83
C PHE E 131 -1.79 11.99 -1.89
N ARG E 132 -1.35 11.39 -2.98
CA ARG E 132 -1.41 9.95 -3.13
C ARG E 132 0.00 9.40 -3.38
N ASP E 133 0.96 10.31 -3.47
CA ASP E 133 2.37 9.97 -3.65
C ASP E 133 2.92 9.29 -2.40
N ASP E 134 3.76 8.27 -2.60
CA ASP E 134 4.35 7.53 -1.48
C ASP E 134 5.17 8.44 -0.56
N GLU E 135 6.20 9.07 -1.12
CA GLU E 135 7.04 9.97 -0.34
C GLU E 135 6.30 11.11 0.34
N PHE E 136 5.36 11.76 -0.35
CA PHE E 136 4.64 12.87 0.25
C PHE E 136 3.73 12.37 1.35
N LYS E 137 3.16 11.18 1.17
CA LYS E 137 2.30 10.59 2.20
C LYS E 137 3.16 10.34 3.45
N THR E 138 4.38 9.86 3.21
CA THR E 138 5.32 9.53 4.27
C THR E 138 5.74 10.80 4.97
N THR E 139 5.97 11.85 4.18
CA THR E 139 6.36 13.14 4.73
C THR E 139 5.29 13.64 5.69
N ILE E 140 4.03 13.44 5.33
CA ILE E 140 2.92 13.89 6.17
C ILE E 140 2.84 13.02 7.44
N GLN E 141 3.08 11.73 7.27
CA GLN E 141 3.04 10.84 8.43
C GLN E 141 4.13 11.23 9.43
N HIS E 142 5.25 11.71 8.90
CA HIS E 142 6.36 12.12 9.74
C HIS E 142 5.92 13.32 10.54
N PHE E 143 5.17 14.19 9.89
CA PHE E 143 4.64 15.39 10.50
C PHE E 143 3.78 15.02 11.72
N ARG E 144 2.85 14.10 11.53
CA ARG E 144 1.94 13.71 12.60
C ARG E 144 2.68 12.95 13.68
N HIS E 145 3.70 12.20 13.27
CA HIS E 145 4.47 11.39 14.21
C HIS E 145 5.20 12.28 15.19
N THR E 146 5.72 13.40 14.68
CA THR E 146 6.41 14.36 15.51
C THR E 146 5.46 15.05 16.48
N ALA E 147 4.27 15.41 15.99
CA ALA E 147 3.26 16.06 16.82
C ALA E 147 2.70 15.11 17.87
N LEU E 148 2.51 13.86 17.48
CA LEU E 148 1.97 12.85 18.37
C LEU E 148 2.94 12.52 19.48
N GLN E 149 4.21 12.43 19.12
CA GLN E 149 5.26 12.08 20.07
C GLN E 149 5.46 13.17 21.09
N ALA E 150 5.40 14.42 20.65
CA ALA E 150 5.57 15.56 21.54
C ALA E 150 4.39 15.63 22.53
N ALA E 151 3.20 15.30 22.05
CA ALA E 151 2.02 15.32 22.89
C ALA E 151 2.04 14.19 23.90
N ILE E 152 2.36 12.98 23.46
CA ILE E 152 2.42 11.83 24.36
C ILE E 152 3.48 11.99 25.46
N ASN E 153 4.63 12.55 25.10
CA ASN E 153 5.70 12.73 26.07
C ASN E 153 5.37 13.84 27.04
N LYS E 154 4.28 14.56 26.78
CA LYS E 154 3.86 15.64 27.65
C LYS E 154 2.66 15.23 28.45
N THR E 155 1.82 14.36 27.88
CA THR E 155 0.60 13.91 28.53
C THR E 155 0.85 12.71 29.43
N VAL E 156 1.67 11.77 28.97
CA VAL E 156 2.00 10.58 29.73
C VAL E 156 3.16 10.85 30.68
N LYS E 157 2.97 10.46 31.94
CA LYS E 157 4.01 10.68 32.96
C LYS E 157 3.80 9.75 34.16
N GLY E 158 4.79 9.73 35.05
CA GLY E 158 4.72 8.90 36.24
C GLY E 158 5.01 7.42 36.06
N ASP E 159 5.33 7.02 34.84
CA ASP E 159 5.61 5.61 34.56
C ASP E 159 4.59 4.67 35.17
N ASN E 160 3.33 4.86 34.81
CA ASN E 160 2.27 4.01 35.34
C ASN E 160 2.32 2.64 34.67
N LEU E 161 3.34 1.86 35.04
CA LEU E 161 3.51 0.53 34.49
C LEU E 161 2.54 -0.47 35.10
N VAL E 162 1.98 -1.33 34.27
CA VAL E 162 1.09 -2.35 34.79
C VAL E 162 1.84 -3.14 35.85
N ASP E 163 1.29 -3.21 37.06
CA ASP E 163 1.91 -3.96 38.14
C ASP E 163 2.17 -5.40 37.66
N ILE E 164 3.43 -5.80 37.78
CA ILE E 164 3.83 -7.13 37.34
C ILE E 164 2.95 -8.28 37.85
N SER E 165 2.37 -8.12 39.04
CA SER E 165 1.49 -9.16 39.61
C SER E 165 0.24 -9.39 38.73
N LYS E 166 -0.26 -8.34 38.08
CA LYS E 166 -1.44 -8.48 37.21
C LYS E 166 -1.18 -9.43 36.04
N VAL E 167 0.05 -9.44 35.52
CA VAL E 167 0.38 -10.34 34.41
C VAL E 167 1.00 -11.66 34.90
N ALA E 168 1.40 -11.68 36.17
CA ALA E 168 1.96 -12.88 36.78
C ALA E 168 0.88 -13.55 37.63
N ASP E 169 0.84 -14.88 37.61
CA ASP E 169 -0.19 -15.59 38.35
C ASP E 169 -1.56 -15.14 37.85
N ALA E 170 -1.76 -15.23 36.54
CA ALA E 170 -3.02 -14.81 35.94
C ALA E 170 -3.93 -16.01 35.62
N ALA E 171 -3.75 -17.08 36.40
CA ALA E 171 -4.55 -18.29 36.20
C ALA E 171 -6.05 -17.99 36.43
N GLY E 172 -6.34 -17.39 37.59
CA GLY E 172 -7.71 -17.06 37.94
C GLY E 172 -7.97 -15.58 37.77
N LYS E 173 -7.29 -14.96 36.81
CA LYS E 173 -7.50 -13.54 36.56
C LYS E 173 -7.97 -13.24 35.13
N LYS E 174 -9.05 -12.46 35.03
CA LYS E 174 -9.59 -12.10 33.73
C LYS E 174 -9.60 -10.59 33.63
N GLY E 175 -9.29 -10.06 32.44
CA GLY E 175 -9.25 -8.63 32.24
C GLY E 175 -9.75 -8.18 30.87
N LYS E 176 -10.10 -6.90 30.79
CA LYS E 176 -10.60 -6.30 29.55
C LYS E 176 -9.46 -5.55 28.87
N VAL E 177 -9.27 -5.84 27.59
CA VAL E 177 -8.20 -5.26 26.81
C VAL E 177 -8.22 -3.74 26.75
N ASP E 178 -9.39 -3.13 26.93
CA ASP E 178 -9.49 -1.67 26.87
C ASP E 178 -8.68 -1.06 28.03
N ALA E 179 -8.21 -1.90 28.94
CA ALA E 179 -7.43 -1.41 30.07
C ALA E 179 -6.07 -0.92 29.59
N GLY E 180 -5.74 -1.28 28.35
CA GLY E 180 -4.47 -0.89 27.77
C GLY E 180 -4.58 0.35 26.92
N ILE E 181 -5.74 1.00 26.93
CA ILE E 181 -5.93 2.18 26.11
C ILE E 181 -5.49 3.41 26.88
N VAL E 182 -4.55 4.16 26.31
CA VAL E 182 -4.04 5.35 26.97
C VAL E 182 -4.28 6.58 26.09
N LYS E 183 -4.84 7.65 26.67
CA LYS E 183 -5.09 8.89 25.95
C LYS E 183 -3.77 9.53 25.53
N ALA E 184 -3.68 9.91 24.27
CA ALA E 184 -2.47 10.52 23.72
C ALA E 184 -2.30 11.98 24.09
N SER E 185 -3.41 12.69 24.23
CA SER E 185 -3.32 14.10 24.60
C SER E 185 -4.59 14.57 25.28
N ALA E 186 -4.62 15.86 25.60
CA ALA E 186 -5.77 16.47 26.25
C ALA E 186 -6.81 16.91 25.21
N SER E 187 -6.76 16.30 24.04
CA SER E 187 -7.72 16.62 22.97
C SER E 187 -9.15 16.47 23.45
N LYS E 188 -10.02 17.29 22.86
CA LYS E 188 -11.42 17.30 23.22
C LYS E 188 -12.18 16.09 22.70
N GLY E 189 -12.01 15.80 21.41
CA GLY E 189 -12.70 14.68 20.81
C GLY E 189 -11.94 13.36 20.80
N ASP E 190 -12.44 12.42 20.02
CA ASP E 190 -11.82 11.11 19.90
C ASP E 190 -10.77 11.11 18.76
N GLU E 191 -10.48 12.29 18.23
CA GLU E 191 -9.50 12.42 17.15
C GLU E 191 -8.31 13.28 17.60
N PHE E 192 -7.11 12.78 17.35
CA PHE E 192 -5.91 13.52 17.75
C PHE E 192 -5.88 14.85 17.03
N SER E 193 -5.62 15.92 17.77
CA SER E 193 -5.59 17.26 17.19
C SER E 193 -4.61 18.20 17.86
N ASP E 194 -3.79 17.66 18.77
CA ASP E 194 -2.80 18.47 19.48
C ASP E 194 -1.62 18.86 18.56
N PHE E 195 -1.90 19.70 17.57
CA PHE E 195 -0.84 20.15 16.66
C PHE E 195 -0.31 21.53 17.10
N SER E 196 0.93 21.82 16.75
CA SER E 196 1.55 23.08 17.15
C SER E 196 1.39 24.15 16.08
N PHE E 197 1.35 23.76 14.82
CA PHE E 197 1.21 24.71 13.73
C PHE E 197 -0.12 25.41 13.87
N LYS E 198 -0.20 26.67 13.47
CA LYS E 198 -1.46 27.38 13.57
C LYS E 198 -2.23 27.29 12.25
N GLU E 199 -3.37 26.61 12.30
CA GLU E 199 -4.20 26.40 11.13
C GLU E 199 -4.45 27.71 10.37
N GLY E 200 -3.99 27.76 9.13
CA GLY E 200 -4.19 28.95 8.32
C GLY E 200 -5.66 29.25 8.09
N ASN E 201 -5.99 30.53 7.91
CA ASN E 201 -7.37 30.93 7.69
C ASN E 201 -7.44 31.98 6.58
N THR E 202 -8.27 31.71 5.58
CA THR E 202 -8.44 32.61 4.46
C THR E 202 -9.70 32.25 3.67
N ALA E 203 -10.57 33.23 3.47
CA ALA E 203 -11.81 33.01 2.74
C ALA E 203 -11.51 32.64 1.29
N THR E 204 -12.02 31.50 0.87
CA THR E 204 -11.79 31.05 -0.50
C THR E 204 -13.13 30.75 -1.15
N LEU E 205 -13.18 30.82 -2.47
CA LEU E 205 -14.41 30.57 -3.21
C LEU E 205 -14.60 29.11 -3.61
N LYS E 206 -15.85 28.65 -3.58
CA LYS E 206 -16.16 27.29 -3.98
C LYS E 206 -16.24 27.30 -5.50
N ILE E 207 -15.69 26.26 -6.12
CA ILE E 207 -15.68 26.14 -7.56
C ILE E 207 -17.10 26.22 -8.16
N ALA E 208 -18.10 25.94 -7.33
CA ALA E 208 -19.49 25.99 -7.78
C ALA E 208 -19.99 27.43 -7.92
N ASP E 209 -19.62 28.28 -6.97
CA ASP E 209 -20.05 29.68 -6.98
C ASP E 209 -19.50 30.40 -8.20
N ILE E 210 -18.26 30.10 -8.57
CA ILE E 210 -17.64 30.73 -9.73
C ILE E 210 -18.28 30.22 -11.02
N PHE E 211 -18.95 29.08 -10.91
CA PHE E 211 -19.62 28.49 -12.07
C PHE E 211 -20.88 29.29 -12.35
N VAL E 212 -21.63 29.60 -11.28
CA VAL E 212 -22.86 30.37 -11.38
C VAL E 212 -22.56 31.81 -11.79
N GLN E 213 -21.46 32.34 -11.27
CA GLN E 213 -21.05 33.71 -11.56
C GLN E 213 -20.71 33.88 -13.05
N GLU E 214 -20.58 32.77 -13.76
CA GLU E 214 -20.24 32.81 -15.18
C GLU E 214 -21.31 32.17 -16.04
N LYS E 215 -22.31 31.57 -15.40
CA LYS E 215 -23.41 30.91 -16.10
C LYS E 215 -24.46 30.35 -15.13
N GLY E 216 -25.18 31.26 -14.48
CA GLY E 216 -26.21 30.90 -13.53
C GLY E 216 -26.90 29.57 -13.81
#